data_1U3W
#
_entry.id   1U3W
#
_cell.length_a   55.361
_cell.length_b   67.125
_cell.length_c   92.725
_cell.angle_alpha   90.00
_cell.angle_beta   103.75
_cell.angle_gamma   90.00
#
_symmetry.space_group_name_H-M   'P 1 21 1'
#
loop_
_entity.id
_entity.type
_entity.pdbx_description
1 polymer 'Alcohol dehydrogenase gamma chain'
2 non-polymer 'ZINC ION'
3 non-polymer NICOTINAMIDE-ADENINE-DINUCLEOTIDE
4 non-polymer 1-METHYLHEPTYLFORMAMIDE
5 water water
#
_entity_poly.entity_id   1
_entity_poly.type   'polypeptide(L)'
_entity_poly.pdbx_seq_one_letter_code
;STAGKVIKCKAAVLWELKKPFSIEEVEVAPPKAHEVRIKMVAAGICRSDEHVVSGNLVTPLPVILGHEAAGIVESVGEGV
TTVKPGDKVIPLFTPQCGKCRICKNPESNYCLKNDLGNPRGTLQDGTRRFTCSGKPIHHFVGVSTFSQYTVVDENAVAKI
DAASPLEKVCLIGCGFSTGYGSAVKVAKVTPGSTCAVFGLGGVGLSVVMGCKAAGAARIIAVDINKDKFAKAKELGATEC
INPQDYKKPIQEVLKEMTDGGVDFSFEVIGQLDTMMASLLCCHEACGTSVIVGVPPDSQNLSINPMLLLTGRTWKGAIFG
GFKSKESVPKLVADFMAKKFSLDALITNVLPFEKINEGFDLLRSGKSIRTVLTF
;
_entity_poly.pdbx_strand_id   A,B
#
loop_
_chem_comp.id
_chem_comp.type
_chem_comp.name
_chem_comp.formula
FXY non-polymer 1-METHYLHEPTYLFORMAMIDE 'C9 H19 N O'
NAD non-polymer NICOTINAMIDE-ADENINE-DINUCLEOTIDE 'C21 H27 N7 O14 P2'
ZN non-polymer 'ZINC ION' 'Zn 2'
#
# COMPACT_ATOMS: atom_id res chain seq x y z
N SER A 1 -13.25 48.62 -17.19
CA SER A 1 -12.90 47.25 -16.70
C SER A 1 -11.66 47.25 -15.78
N THR A 2 -11.41 46.11 -15.14
CA THR A 2 -10.25 45.91 -14.26
C THR A 2 -9.12 45.16 -14.95
N ALA A 3 -9.39 44.64 -16.15
CA ALA A 3 -8.41 43.83 -16.86
C ALA A 3 -7.12 44.60 -17.03
N GLY A 4 -6.00 43.95 -16.70
CA GLY A 4 -4.67 44.53 -16.85
C GLY A 4 -4.26 45.45 -15.72
N LYS A 5 -5.14 45.67 -14.75
CA LYS A 5 -4.88 46.62 -13.66
C LYS A 5 -4.82 45.88 -12.33
N VAL A 6 -4.08 46.49 -11.40
CA VAL A 6 -4.05 46.02 -10.03
C VAL A 6 -5.48 46.18 -9.45
N ILE A 7 -5.97 45.13 -8.78
CA ILE A 7 -7.25 45.20 -8.07
C ILE A 7 -6.99 45.41 -6.57
N LYS A 8 -7.66 46.39 -5.99
CA LYS A 8 -7.69 46.51 -4.51
C LYS A 8 -8.94 45.82 -3.96
N CYS A 9 -8.79 44.90 -2.98
CA CYS A 9 -9.94 44.22 -2.44
C CYS A 9 -9.64 43.80 -1.01
N LYS A 10 -10.53 43.05 -0.39
CA LYS A 10 -10.30 42.54 0.97
C LYS A 10 -9.85 41.07 0.87
N ALA A 11 -8.98 40.67 1.77
CA ALA A 11 -8.61 39.27 1.93
C ALA A 11 -8.47 38.98 3.42
N ALA A 12 -8.63 37.71 3.79
CA ALA A 12 -8.37 37.27 5.19
C ALA A 12 -6.93 36.85 5.26
N VAL A 13 -6.16 37.61 6.05
CA VAL A 13 -4.74 37.36 6.17
C VAL A 13 -4.45 36.73 7.52
N LEU A 14 -3.54 35.76 7.51
CA LEU A 14 -3.02 35.15 8.76
C LEU A 14 -1.64 35.70 8.95
N TRP A 15 -1.50 36.51 10.00
CA TRP A 15 -0.21 37.14 10.24
C TRP A 15 0.62 36.35 11.22
N GLU A 16 -0.04 35.57 12.06
CA GLU A 16 0.67 34.82 13.07
C GLU A 16 -0.09 33.56 13.42
N LEU A 17 0.66 32.51 13.73
CA LEU A 17 0.09 31.24 14.18
C LEU A 17 -0.78 31.42 15.39
N LYS A 18 -1.85 30.66 15.45
CA LYS A 18 -2.75 30.62 16.61
C LYS A 18 -3.44 31.96 16.93
N LYS A 19 -3.55 32.81 15.92
CA LYS A 19 -4.20 34.11 16.06
C LYS A 19 -5.38 34.17 15.03
N PRO A 20 -6.33 35.06 15.23
CA PRO A 20 -7.46 35.21 14.30
C PRO A 20 -6.98 35.75 12.97
N PHE A 21 -7.74 35.44 11.91
CA PHE A 21 -7.52 36.12 10.65
C PHE A 21 -7.86 37.59 10.77
N SER A 22 -7.18 38.39 9.97
CA SER A 22 -7.51 39.80 9.89
C SER A 22 -8.00 40.09 8.45
N ILE A 23 -9.13 40.76 8.33
CA ILE A 23 -9.65 41.19 7.01
C ILE A 23 -8.94 42.47 6.63
N GLU A 24 -8.08 42.37 5.62
CA GLU A 24 -7.16 43.42 5.24
C GLU A 24 -7.41 43.90 3.82
N GLU A 25 -7.09 45.16 3.57
CA GLU A 25 -7.09 45.68 2.19
C GLU A 25 -5.83 45.20 1.52
N VAL A 26 -5.96 44.44 0.41
CA VAL A 26 -4.79 43.93 -0.27
C VAL A 26 -4.84 44.38 -1.77
N GLU A 27 -3.70 44.30 -2.44
CA GLU A 27 -3.59 44.58 -3.87
C GLU A 27 -3.27 43.28 -4.57
N VAL A 28 -4.06 42.97 -5.60
CA VAL A 28 -3.93 41.74 -6.37
C VAL A 28 -3.46 42.13 -7.80
N ALA A 29 -2.26 41.70 -8.15
CA ALA A 29 -1.63 42.02 -9.43
C ALA A 29 -2.44 41.37 -10.52
N PRO A 30 -2.36 41.93 -11.72
CA PRO A 30 -3.04 41.30 -12.86
C PRO A 30 -2.34 39.98 -13.17
N PRO A 31 -3.07 39.05 -13.82
CA PRO A 31 -2.46 37.76 -14.13
C PRO A 31 -1.35 37.84 -15.18
N LYS A 32 -0.32 37.02 -15.06
CA LYS A 32 0.70 36.92 -16.10
C LYS A 32 0.15 36.00 -17.18
N ALA A 33 0.99 35.72 -18.19
CA ALA A 33 0.48 35.16 -19.45
C ALA A 33 -0.33 33.86 -19.35
N HIS A 34 0.05 32.97 -18.43
CA HIS A 34 -0.66 31.71 -18.20
C HIS A 34 -1.28 31.65 -16.82
N GLU A 35 -1.83 32.78 -16.39
CA GLU A 35 -2.50 32.88 -15.11
C GLU A 35 -3.90 33.40 -15.28
N VAL A 36 -4.73 33.23 -14.25
CA VAL A 36 -6.13 33.51 -14.29
C VAL A 36 -6.51 34.26 -13.00
N ARG A 37 -7.17 35.40 -13.11
CA ARG A 37 -7.60 36.14 -11.90
C ARG A 37 -9.07 35.91 -11.71
N ILE A 38 -9.43 35.49 -10.50
CA ILE A 38 -10.75 35.02 -10.22
C ILE A 38 -11.44 35.85 -9.17
N LYS A 39 -12.70 36.16 -9.37
CA LYS A 39 -13.54 36.80 -8.38
C LYS A 39 -14.23 35.71 -7.60
N MET A 40 -13.97 35.64 -6.29
CA MET A 40 -14.55 34.58 -5.50
C MET A 40 -16.01 34.73 -5.23
N VAL A 41 -16.73 33.62 -5.22
CA VAL A 41 -18.14 33.62 -4.92
C VAL A 41 -18.43 32.85 -3.58
N ALA A 42 -17.75 31.72 -3.39
CA ALA A 42 -18.01 30.84 -2.24
C ALA A 42 -16.69 30.19 -1.87
N ALA A 43 -16.40 30.11 -0.55
CA ALA A 43 -15.23 29.37 -0.07
C ALA A 43 -15.60 28.55 1.17
N GLY A 44 -15.22 27.28 1.20
CA GLY A 44 -15.51 26.39 2.31
C GLY A 44 -14.36 26.51 3.32
N ILE A 45 -14.66 26.18 4.58
CA ILE A 45 -13.60 26.13 5.65
C ILE A 45 -13.30 24.66 5.88
N CYS A 46 -12.10 24.28 5.49
CA CYS A 46 -11.60 22.90 5.60
C CYS A 46 -10.64 22.82 6.85
N ARG A 47 -10.61 21.64 7.48
CA ARG A 47 -9.65 21.45 8.63
C ARG A 47 -8.23 21.74 8.17
N SER A 48 -7.84 21.57 6.92
CA SER A 48 -6.52 21.79 6.43
C SER A 48 -6.14 23.29 6.61
N ASP A 49 -7.08 24.21 6.45
CA ASP A 49 -6.77 25.62 6.64
C ASP A 49 -6.49 25.76 8.15
N GLU A 50 -7.31 25.16 8.97
CA GLU A 50 -7.10 25.32 10.44
C GLU A 50 -5.82 24.64 10.81
N HIS A 51 -5.36 23.60 10.15
CA HIS A 51 -4.03 23.03 10.47
C HIS A 51 -2.93 24.03 10.30
N VAL A 52 -3.04 25.00 9.39
CA VAL A 52 -1.96 25.98 9.24
C VAL A 52 -2.05 26.89 10.46
N VAL A 53 -3.24 27.33 10.84
CA VAL A 53 -3.41 28.28 11.97
C VAL A 53 -2.84 27.66 13.23
N SER A 54 -3.08 26.38 13.44
CA SER A 54 -2.64 25.72 14.69
C SER A 54 -1.18 25.31 14.69
N GLY A 55 -0.48 25.44 13.58
CA GLY A 55 0.88 24.98 13.39
C GLY A 55 1.08 23.52 13.07
N ASN A 56 -0.02 22.80 12.83
CA ASN A 56 0.05 21.41 12.45
C ASN A 56 0.51 21.16 11.01
N LEU A 57 0.21 22.12 10.10
CA LEU A 57 0.66 22.09 8.71
C LEU A 57 1.49 23.36 8.46
N VAL A 58 2.76 23.15 8.11
CA VAL A 58 3.69 24.27 7.99
C VAL A 58 3.57 24.91 6.62
N THR A 59 3.48 26.24 6.61
CA THR A 59 3.48 27.02 5.37
C THR A 59 4.05 28.38 5.71
N PRO A 60 4.73 29.04 4.77
CA PRO A 60 5.25 30.40 5.06
C PRO A 60 4.16 31.42 5.40
N LEU A 61 4.40 32.20 6.46
CA LEU A 61 3.53 33.31 6.80
C LEU A 61 4.28 34.60 6.46
N PRO A 62 3.57 35.72 6.25
CA PRO A 62 2.11 35.85 6.36
C PRO A 62 1.45 35.21 5.11
N VAL A 63 0.20 34.81 5.25
CA VAL A 63 -0.40 34.02 4.14
C VAL A 63 -1.85 34.30 4.09
N ILE A 64 -2.39 34.19 2.85
CA ILE A 64 -3.85 34.07 2.64
C ILE A 64 -4.23 32.60 2.37
N LEU A 65 -5.04 32.03 3.25
CA LEU A 65 -5.36 30.61 3.20
C LEU A 65 -6.59 30.47 2.34
N GLY A 66 -7.21 29.30 2.44
CA GLY A 66 -8.39 29.00 1.61
C GLY A 66 -8.00 28.22 0.37
N HIS A 67 -8.67 27.09 0.20
CA HIS A 67 -8.36 26.25 -0.97
C HIS A 67 -9.56 25.48 -1.54
N GLU A 68 -10.74 25.66 -0.95
CA GLU A 68 -11.97 24.96 -1.27
C GLU A 68 -12.94 26.06 -1.70
N ALA A 69 -13.16 26.25 -3.02
CA ALA A 69 -13.84 27.48 -3.44
C ALA A 69 -14.35 27.42 -4.87
N ALA A 70 -15.19 28.41 -5.17
CA ALA A 70 -15.66 28.58 -6.56
C ALA A 70 -15.82 30.04 -6.84
N GLY A 71 -15.66 30.44 -8.10
CA GLY A 71 -15.70 31.85 -8.41
C GLY A 71 -15.91 32.06 -9.89
N ILE A 72 -15.73 33.29 -10.30
CA ILE A 72 -16.02 33.66 -11.69
C ILE A 72 -14.79 34.31 -12.22
N VAL A 73 -14.29 33.92 -13.40
CA VAL A 73 -13.08 34.54 -13.93
C VAL A 73 -13.24 36.00 -14.25
N GLU A 74 -12.35 36.83 -13.70
CA GLU A 74 -12.39 38.25 -13.99
C GLU A 74 -11.55 38.55 -15.24
N SER A 75 -10.38 37.91 -15.35
CA SER A 75 -9.45 38.14 -16.46
C SER A 75 -8.44 37.04 -16.59
N VAL A 76 -7.89 36.91 -17.81
CA VAL A 76 -6.91 35.87 -18.10
C VAL A 76 -5.65 36.52 -18.68
N GLY A 77 -4.49 35.91 -18.46
CA GLY A 77 -3.29 36.22 -19.26
C GLY A 77 -3.47 35.83 -20.73
N GLU A 78 -2.64 36.40 -21.62
CA GLU A 78 -2.85 36.24 -23.09
C GLU A 78 -2.66 34.80 -23.69
N GLY A 79 -1.91 33.95 -22.99
CA GLY A 79 -1.65 32.56 -23.37
C GLY A 79 -2.67 31.57 -22.85
N VAL A 80 -3.66 32.05 -22.08
CA VAL A 80 -4.70 31.18 -21.53
C VAL A 80 -5.65 30.70 -22.63
N THR A 81 -5.94 29.40 -22.59
CA THR A 81 -6.81 28.80 -23.61
C THR A 81 -7.96 28.04 -23.06
N THR A 82 -8.01 27.76 -21.76
CA THR A 82 -9.00 26.84 -21.22
C THR A 82 -10.14 27.49 -20.43
N VAL A 83 -9.97 28.78 -20.11
CA VAL A 83 -11.04 29.55 -19.47
C VAL A 83 -11.06 30.95 -20.03
N LYS A 84 -12.19 31.62 -19.85
CA LYS A 84 -12.37 32.97 -20.32
C LYS A 84 -13.06 33.81 -19.26
N PRO A 85 -12.90 35.13 -19.34
CA PRO A 85 -13.64 36.04 -18.43
C PRO A 85 -15.11 35.71 -18.42
N GLY A 86 -15.66 35.61 -17.22
CA GLY A 86 -17.04 35.24 -17.03
C GLY A 86 -17.35 33.79 -16.78
N ASP A 87 -16.43 32.88 -17.08
CA ASP A 87 -16.62 31.47 -16.81
C ASP A 87 -16.69 31.20 -15.29
N LYS A 88 -17.53 30.27 -14.87
CA LYS A 88 -17.49 29.77 -13.46
C LYS A 88 -16.34 28.80 -13.37
N VAL A 89 -15.65 28.80 -12.20
CA VAL A 89 -14.46 27.98 -12.08
C VAL A 89 -14.21 27.56 -10.65
N ILE A 90 -13.51 26.46 -10.52
CA ILE A 90 -13.06 25.98 -9.19
C ILE A 90 -11.55 25.95 -9.29
N PRO A 91 -10.89 26.67 -8.36
CA PRO A 91 -9.43 26.60 -8.26
C PRO A 91 -8.96 25.24 -7.72
N LEU A 92 -7.80 24.81 -8.19
CA LEU A 92 -7.29 23.46 -7.95
C LEU A 92 -6.06 23.51 -7.03
N PHE A 93 -6.23 23.05 -5.79
CA PHE A 93 -5.04 23.16 -4.92
C PHE A 93 -4.01 22.12 -5.31
N THR A 94 -4.41 21.08 -6.06
CA THR A 94 -3.47 20.18 -6.70
C THR A 94 -3.53 20.53 -8.16
N PRO A 95 -2.48 21.05 -8.77
CA PRO A 95 -2.61 21.40 -10.20
C PRO A 95 -2.63 20.18 -11.07
N GLN A 96 -2.90 20.43 -12.37
CA GLN A 96 -2.74 19.39 -13.41
C GLN A 96 -2.01 20.04 -14.60
N CYS A 97 -0.69 20.06 -14.61
CA CYS A 97 0.11 20.74 -15.65
C CYS A 97 -0.09 20.02 -16.98
N GLY A 98 -0.34 18.73 -16.87
CA GLY A 98 -0.68 17.97 -18.12
C GLY A 98 0.59 17.53 -18.87
N LYS A 99 1.78 17.83 -18.35
CA LYS A 99 3.06 17.61 -19.04
C LYS A 99 4.02 16.71 -18.28
N CYS A 100 3.96 16.78 -16.94
CA CYS A 100 4.96 16.07 -16.16
C CYS A 100 4.71 14.57 -16.11
N ARG A 101 5.70 13.84 -15.61
CA ARG A 101 5.67 12.39 -15.49
C ARG A 101 4.38 11.95 -14.78
N ILE A 102 4.00 12.67 -13.73
CA ILE A 102 2.85 12.27 -12.92
C ILE A 102 1.53 12.58 -13.64
N CYS A 103 1.47 13.74 -14.28
CA CYS A 103 0.25 14.06 -15.06
C CYS A 103 0.07 13.10 -16.19
N LYS A 104 1.16 12.57 -16.73
CA LYS A 104 0.97 11.63 -17.89
C LYS A 104 0.70 10.20 -17.45
N ASN A 105 0.96 9.87 -16.19
CA ASN A 105 0.65 8.58 -15.61
C ASN A 105 -0.83 8.50 -15.24
N PRO A 106 -1.57 7.53 -15.82
CA PRO A 106 -3.01 7.49 -15.59
C PRO A 106 -3.40 7.31 -14.13
N GLU A 107 -2.51 6.78 -13.32
CA GLU A 107 -2.86 6.36 -11.95
C GLU A 107 -2.51 7.34 -10.87
N SER A 108 -1.90 8.46 -11.23
CA SER A 108 -1.36 9.36 -10.21
C SER A 108 -1.87 10.77 -10.45
N ASN A 109 -1.82 11.60 -9.42
CA ASN A 109 -2.36 12.98 -9.55
C ASN A 109 -1.55 14.09 -8.86
N TYR A 110 -0.50 13.73 -8.14
CA TYR A 110 0.26 14.73 -7.38
C TYR A 110 1.28 15.42 -8.30
N CYS A 111 0.73 16.33 -9.12
CA CYS A 111 1.47 16.97 -10.22
C CYS A 111 2.72 17.63 -9.73
N LEU A 112 3.77 17.56 -10.51
CA LEU A 112 5.06 18.12 -9.99
C LEU A 112 5.06 19.61 -9.80
N LYS A 113 4.06 20.35 -10.27
CA LYS A 113 4.01 21.79 -10.11
C LYS A 113 3.34 22.18 -8.77
N ASN A 114 3.02 21.19 -7.93
CA ASN A 114 2.32 21.42 -6.67
C ASN A 114 3.16 22.29 -5.70
N ASP A 115 2.43 22.99 -4.88
CA ASP A 115 3.09 23.70 -3.76
C ASP A 115 2.62 23.14 -2.44
N LEU A 116 2.53 21.80 -2.36
CA LEU A 116 1.98 21.14 -1.19
C LEU A 116 3.11 20.67 -0.31
N GLY A 117 3.94 19.73 -0.76
CA GLY A 117 5.09 19.33 0.08
C GLY A 117 6.12 20.45 0.05
N ASN A 118 6.76 20.75 1.19
CA ASN A 118 7.76 21.80 1.12
C ASN A 118 7.32 23.10 0.40
N PRO A 119 6.26 23.72 0.91
CA PRO A 119 5.66 24.91 0.31
C PRO A 119 6.51 26.14 0.24
N ARG A 120 6.46 26.81 -0.89
CA ARG A 120 7.07 28.13 -1.06
C ARG A 120 6.08 29.26 -0.86
N GLY A 121 4.76 29.00 -0.98
CA GLY A 121 3.80 30.06 -0.89
C GLY A 121 3.83 31.04 -2.06
N THR A 122 4.04 30.50 -3.28
CA THR A 122 4.14 31.36 -4.45
C THR A 122 3.25 30.73 -5.53
N LEU A 123 3.20 31.41 -6.67
CA LEU A 123 2.60 30.75 -7.84
C LEU A 123 3.72 29.98 -8.49
N GLN A 124 3.43 29.32 -9.60
CA GLN A 124 4.41 28.42 -10.14
C GLN A 124 5.66 29.05 -10.71
N ASP A 125 5.61 30.35 -11.01
CA ASP A 125 6.85 31.02 -11.46
C ASP A 125 7.70 31.50 -10.29
N GLY A 126 7.29 31.16 -9.08
CA GLY A 126 8.11 31.46 -7.90
C GLY A 126 7.90 32.84 -7.32
N THR A 127 6.91 33.55 -7.80
CA THR A 127 6.57 34.87 -7.31
C THR A 127 5.16 34.96 -6.77
N ARG A 128 4.83 36.12 -6.24
CA ARG A 128 3.58 36.30 -5.55
C ARG A 128 2.79 37.44 -6.14
N ARG A 129 1.46 37.41 -6.01
CA ARG A 129 0.60 38.41 -6.64
C ARG A 129 -0.11 39.32 -5.65
N PHE A 130 0.07 39.00 -4.36
CA PHE A 130 -0.59 39.72 -3.29
C PHE A 130 0.36 40.65 -2.56
N THR A 131 -0.15 41.85 -2.33
CA THR A 131 0.55 42.74 -1.38
C THR A 131 -0.47 43.39 -0.45
N CYS A 132 0.02 43.81 0.72
CA CYS A 132 -0.84 44.50 1.67
C CYS A 132 -0.02 45.69 2.07
N SER A 133 -0.58 46.87 1.87
CA SER A 133 0.19 48.10 2.01
C SER A 133 1.54 47.99 1.28
N GLY A 134 1.52 47.40 0.07
CA GLY A 134 2.74 47.27 -0.72
C GLY A 134 3.75 46.17 -0.35
N LYS A 135 3.53 45.46 0.78
CA LYS A 135 4.41 44.36 1.21
C LYS A 135 3.80 42.99 0.82
N PRO A 136 4.62 42.05 0.40
CA PRO A 136 4.12 40.79 -0.21
C PRO A 136 3.49 39.86 0.81
N ILE A 137 2.49 39.12 0.36
CA ILE A 137 1.86 38.13 1.23
C ILE A 137 1.97 36.79 0.48
N HIS A 138 2.08 35.68 1.21
CA HIS A 138 2.24 34.36 0.57
C HIS A 138 0.90 33.84 0.08
N HIS A 139 1.00 33.06 -1.01
CA HIS A 139 -0.14 32.28 -1.44
C HIS A 139 -0.18 30.98 -0.66
N PHE A 140 -1.31 30.28 -0.74
CA PHE A 140 -1.47 29.00 -0.10
C PHE A 140 -1.90 27.96 -1.14
N VAL A 141 -1.07 26.93 -1.27
CA VAL A 141 -1.32 25.78 -2.22
C VAL A 141 -1.70 26.30 -3.58
N GLY A 142 -1.07 27.40 -3.99
CA GLY A 142 -1.27 27.91 -5.33
C GLY A 142 -2.57 28.68 -5.52
N VAL A 143 -3.45 28.74 -4.54
CA VAL A 143 -4.81 29.24 -4.77
C VAL A 143 -5.39 30.33 -3.92
N SER A 144 -5.02 30.36 -2.62
CA SER A 144 -5.42 31.47 -1.76
C SER A 144 -6.87 32.00 -1.91
N THR A 145 -7.82 31.17 -1.56
CA THR A 145 -9.20 31.53 -1.87
C THR A 145 -9.95 32.33 -0.86
N PHE A 146 -9.31 32.65 0.29
CA PHE A 146 -10.00 33.51 1.25
C PHE A 146 -9.70 34.99 0.94
N SER A 147 -10.07 35.40 -0.27
CA SER A 147 -9.81 36.75 -0.74
C SER A 147 -10.85 37.01 -1.80
N GLN A 148 -11.29 38.26 -1.93
CA GLN A 148 -12.37 38.57 -2.87
C GLN A 148 -11.88 38.35 -4.29
N TYR A 149 -10.59 38.46 -4.51
CA TYR A 149 -9.93 38.11 -5.79
C TYR A 149 -8.63 37.36 -5.56
N THR A 150 -8.35 36.34 -6.35
CA THR A 150 -7.06 35.69 -6.32
C THR A 150 -6.54 35.49 -7.74
N VAL A 151 -5.26 35.19 -7.85
CA VAL A 151 -4.63 34.85 -9.16
C VAL A 151 -4.06 33.44 -9.02
N VAL A 152 -4.30 32.58 -10.04
CA VAL A 152 -3.87 31.19 -9.98
C VAL A 152 -3.29 30.84 -11.35
N ASP A 153 -2.42 29.87 -11.39
CA ASP A 153 -1.93 29.29 -12.64
C ASP A 153 -3.11 28.63 -13.39
N GLU A 154 -3.07 28.77 -14.72
CA GLU A 154 -4.12 28.19 -15.57
C GLU A 154 -4.31 26.69 -15.28
N ASN A 155 -3.20 25.98 -15.11
CA ASN A 155 -3.24 24.56 -14.84
C ASN A 155 -3.83 24.19 -13.44
N ALA A 156 -4.12 25.24 -12.68
CA ALA A 156 -4.77 25.13 -11.41
C ALA A 156 -6.11 25.77 -11.29
N VAL A 157 -6.83 25.77 -12.43
CA VAL A 157 -8.21 26.20 -12.42
C VAL A 157 -9.00 25.36 -13.42
N ALA A 158 -10.16 24.94 -12.98
CA ALA A 158 -11.08 24.16 -13.89
C ALA A 158 -12.29 24.98 -14.17
N LYS A 159 -12.68 24.95 -15.45
CA LYS A 159 -13.96 25.52 -15.86
C LYS A 159 -15.07 24.53 -15.54
N ILE A 160 -16.16 25.03 -14.95
CA ILE A 160 -17.28 24.19 -14.59
C ILE A 160 -18.59 24.67 -15.25
N ASP A 161 -19.64 23.85 -15.12
CA ASP A 161 -20.97 24.20 -15.64
C ASP A 161 -21.40 25.61 -15.25
N ALA A 162 -21.71 26.46 -16.24
CA ALA A 162 -22.14 27.82 -15.97
C ALA A 162 -23.44 27.91 -15.14
N ALA A 163 -24.24 26.86 -15.18
CA ALA A 163 -25.51 26.76 -14.43
C ALA A 163 -25.35 26.36 -12.93
N SER A 164 -24.12 26.02 -12.51
CA SER A 164 -23.96 25.39 -11.19
C SER A 164 -24.02 26.37 -10.02
N PRO A 165 -24.61 25.90 -8.92
CA PRO A 165 -24.71 26.73 -7.70
C PRO A 165 -23.37 26.75 -6.91
N LEU A 166 -22.69 27.87 -6.98
CA LEU A 166 -21.29 27.99 -6.54
C LEU A 166 -21.16 27.84 -5.03
N GLU A 167 -22.22 28.22 -4.33
CA GLU A 167 -22.23 28.07 -2.85
C GLU A 167 -22.32 26.61 -2.42
N LYS A 168 -22.60 25.69 -3.32
CA LYS A 168 -22.60 24.27 -3.03
C LYS A 168 -21.37 23.57 -3.64
N VAL A 169 -21.12 23.83 -4.92
CA VAL A 169 -20.11 23.04 -5.59
C VAL A 169 -18.67 23.39 -5.27
N CYS A 170 -18.50 24.51 -4.55
CA CYS A 170 -17.18 24.82 -3.97
C CYS A 170 -16.63 23.60 -3.20
N LEU A 171 -17.49 22.79 -2.60
CA LEU A 171 -17.00 21.60 -1.88
C LEU A 171 -16.27 20.59 -2.77
N ILE A 172 -16.60 20.60 -4.09
CA ILE A 172 -15.89 19.74 -5.00
C ILE A 172 -14.42 20.16 -5.21
N GLY A 173 -14.11 21.41 -4.74
CA GLY A 173 -12.74 21.91 -4.83
C GLY A 173 -11.87 21.31 -3.69
N CYS A 174 -12.49 20.62 -2.72
CA CYS A 174 -11.72 19.82 -1.81
C CYS A 174 -12.42 18.72 -1.09
N GLY A 175 -13.24 19.05 -0.09
CA GLY A 175 -13.70 18.04 0.87
C GLY A 175 -14.42 16.87 0.27
N PHE A 176 -15.39 17.18 -0.63
CA PHE A 176 -16.22 16.12 -1.16
C PHE A 176 -15.38 15.19 -2.10
N SER A 177 -14.68 15.83 -3.04
CA SER A 177 -13.86 15.06 -3.98
C SER A 177 -12.79 14.27 -3.29
N THR A 178 -12.17 14.88 -2.24
CA THR A 178 -11.16 14.13 -1.54
C THR A 178 -11.73 12.86 -0.87
N GLY A 179 -12.82 13.03 -0.14
CA GLY A 179 -13.39 11.86 0.52
C GLY A 179 -13.96 10.79 -0.41
N TYR A 180 -14.73 11.31 -1.35
CA TYR A 180 -15.37 10.42 -2.34
C TYR A 180 -14.34 9.62 -3.15
N GLY A 181 -13.35 10.32 -3.68
CA GLY A 181 -12.28 9.70 -4.44
C GLY A 181 -11.44 8.75 -3.62
N SER A 182 -11.20 9.14 -2.34
CA SER A 182 -10.41 8.22 -1.52
C SER A 182 -11.02 6.82 -1.42
N ALA A 183 -12.36 6.79 -1.40
CA ALA A 183 -13.10 5.51 -1.48
C ALA A 183 -13.14 4.87 -2.88
N VAL A 184 -13.56 5.65 -3.84
CA VAL A 184 -13.87 4.99 -5.12
C VAL A 184 -12.68 4.80 -5.98
N LYS A 185 -11.71 5.71 -5.89
CA LYS A 185 -10.53 5.68 -6.73
C LYS A 185 -9.23 5.22 -6.06
N VAL A 186 -8.98 5.66 -4.84
CA VAL A 186 -7.72 5.30 -4.17
C VAL A 186 -7.83 3.88 -3.55
N ALA A 187 -8.80 3.69 -2.65
CA ALA A 187 -9.01 2.37 -2.05
C ALA A 187 -9.55 1.40 -3.10
N LYS A 188 -10.42 1.91 -3.97
CA LYS A 188 -11.25 1.09 -4.93
C LYS A 188 -12.12 0.10 -4.16
N VAL A 189 -12.92 0.66 -3.22
CA VAL A 189 -13.82 -0.14 -2.40
C VAL A 189 -14.66 -1.02 -3.33
N THR A 190 -14.78 -2.28 -2.95
CA THR A 190 -15.50 -3.28 -3.78
C THR A 190 -16.88 -3.55 -3.21
N PRO A 191 -17.82 -3.94 -4.07
CA PRO A 191 -19.16 -4.29 -3.63
C PRO A 191 -19.13 -5.41 -2.61
N GLY A 192 -19.95 -5.24 -1.55
CA GLY A 192 -20.09 -6.22 -0.50
C GLY A 192 -19.00 -6.21 0.58
N SER A 193 -18.04 -5.26 0.47
CA SER A 193 -16.93 -5.20 1.41
C SER A 193 -17.30 -4.52 2.70
N THR A 194 -16.43 -4.67 3.69
CA THR A 194 -16.62 -3.91 4.91
C THR A 194 -15.61 -2.77 5.02
N CYS A 195 -16.11 -1.62 5.43
CA CYS A 195 -15.24 -0.42 5.54
C CYS A 195 -15.34 0.19 6.94
N ALA A 196 -14.25 0.81 7.41
CA ALA A 196 -14.27 1.62 8.62
C ALA A 196 -13.76 3.01 8.25
N VAL A 197 -14.44 4.05 8.68
CA VAL A 197 -14.07 5.40 8.38
C VAL A 197 -13.79 6.10 9.75
N PHE A 198 -12.55 6.53 9.97
CA PHE A 198 -12.17 7.27 11.23
C PHE A 198 -12.27 8.77 10.94
N GLY A 199 -13.25 9.41 11.57
CA GLY A 199 -13.45 10.85 11.45
C GLY A 199 -14.60 11.16 10.55
N LEU A 200 -15.56 11.91 11.06
CA LEU A 200 -16.85 12.17 10.35
C LEU A 200 -17.11 13.70 10.17
N GLY A 201 -16.07 14.41 9.76
CA GLY A 201 -16.13 15.77 9.29
C GLY A 201 -16.56 15.78 7.84
N GLY A 202 -16.41 16.91 7.17
CA GLY A 202 -16.89 16.93 5.77
C GLY A 202 -16.14 15.93 4.92
N VAL A 203 -14.90 15.64 5.16
CA VAL A 203 -14.10 14.75 4.36
C VAL A 203 -14.46 13.33 4.67
N GLY A 204 -14.59 12.95 5.92
CA GLY A 204 -14.94 11.61 6.31
C GLY A 204 -16.36 11.25 5.85
N LEU A 205 -17.29 12.18 5.98
CA LEU A 205 -18.65 11.91 5.48
C LEU A 205 -18.58 11.67 3.98
N SER A 206 -17.69 12.37 3.29
CA SER A 206 -17.59 12.16 1.81
C SER A 206 -16.97 10.80 1.54
N VAL A 207 -16.10 10.28 2.38
CA VAL A 207 -15.63 8.90 2.29
C VAL A 207 -16.81 7.92 2.51
N VAL A 208 -17.66 8.18 3.52
CA VAL A 208 -18.87 7.39 3.74
C VAL A 208 -19.68 7.36 2.43
N MET A 209 -19.90 8.54 1.87
CA MET A 209 -20.68 8.55 0.59
C MET A 209 -20.01 7.69 -0.45
N GLY A 210 -18.71 7.80 -0.63
CA GLY A 210 -17.97 7.01 -1.61
C GLY A 210 -18.10 5.52 -1.34
N CYS A 211 -18.02 5.06 -0.10
CA CYS A 211 -18.11 3.65 0.21
C CYS A 211 -19.51 3.13 -0.14
N LYS A 212 -20.51 3.96 0.15
CA LYS A 212 -21.90 3.61 -0.16
C LYS A 212 -22.04 3.53 -1.66
N ALA A 213 -21.50 4.50 -2.39
CA ALA A 213 -21.63 4.49 -3.88
C ALA A 213 -20.91 3.25 -4.47
N ALA A 214 -19.83 2.81 -3.87
CA ALA A 214 -19.07 1.67 -4.34
C ALA A 214 -19.76 0.34 -3.97
N GLY A 215 -20.82 0.41 -3.19
CA GLY A 215 -21.54 -0.78 -2.73
C GLY A 215 -21.04 -1.57 -1.57
N ALA A 216 -20.29 -0.93 -0.67
CA ALA A 216 -19.90 -1.65 0.49
C ALA A 216 -21.12 -2.21 1.22
N ALA A 217 -20.95 -3.36 1.86
CA ALA A 217 -22.05 -3.95 2.63
C ALA A 217 -22.14 -3.35 4.02
N ARG A 218 -20.98 -3.01 4.61
CA ARG A 218 -20.92 -2.43 5.96
C ARG A 218 -19.98 -1.23 5.92
N ILE A 219 -20.40 -0.16 6.61
CA ILE A 219 -19.60 1.07 6.68
C ILE A 219 -19.69 1.53 8.13
N ILE A 220 -18.58 1.31 8.85
CA ILE A 220 -18.55 1.58 10.28
C ILE A 220 -17.88 2.93 10.50
N ALA A 221 -18.67 3.90 10.92
CA ALA A 221 -18.26 5.28 11.09
C ALA A 221 -17.76 5.40 12.53
N VAL A 222 -16.54 5.92 12.65
CA VAL A 222 -15.85 6.01 13.98
C VAL A 222 -15.59 7.48 14.25
N ASP A 223 -16.06 7.94 15.42
CA ASP A 223 -15.81 9.34 15.84
C ASP A 223 -15.90 9.38 17.37
N ILE A 224 -15.02 10.22 17.97
CA ILE A 224 -15.15 10.43 19.42
C ILE A 224 -16.26 11.39 19.79
N ASN A 225 -16.81 12.12 18.82
CA ASN A 225 -17.95 13.03 19.01
C ASN A 225 -19.23 12.37 18.50
N LYS A 226 -20.05 11.85 19.40
CA LYS A 226 -21.25 11.12 18.95
C LYS A 226 -22.27 12.03 18.26
N ASP A 227 -22.13 13.35 18.34
CA ASP A 227 -23.04 14.25 17.65
C ASP A 227 -22.84 14.17 16.13
N LYS A 228 -21.73 13.53 15.72
CA LYS A 228 -21.42 13.37 14.28
C LYS A 228 -22.10 12.17 13.70
N PHE A 229 -22.72 11.36 14.52
CA PHE A 229 -23.23 10.04 14.06
C PHE A 229 -24.47 10.16 13.21
N ALA A 230 -25.39 11.07 13.53
CA ALA A 230 -26.68 11.05 12.77
C ALA A 230 -26.44 11.36 11.34
N LYS A 231 -25.57 12.33 11.04
CA LYS A 231 -25.29 12.62 9.61
C LYS A 231 -24.61 11.46 8.91
N ALA A 232 -23.74 10.76 9.59
CA ALA A 232 -23.03 9.64 9.01
C ALA A 232 -24.03 8.56 8.61
N LYS A 233 -25.00 8.27 9.48
CA LYS A 233 -26.07 7.31 9.13
C LYS A 233 -26.85 7.80 7.91
N GLU A 234 -27.19 9.07 7.87
CA GLU A 234 -27.96 9.63 6.75
C GLU A 234 -27.26 9.37 5.44
N LEU A 235 -25.94 9.48 5.44
CA LEU A 235 -25.15 9.37 4.20
C LEU A 235 -24.67 7.95 3.88
N GLY A 236 -25.08 6.96 4.68
CA GLY A 236 -24.77 5.59 4.36
C GLY A 236 -24.10 4.73 5.37
N ALA A 237 -23.63 5.33 6.49
CA ALA A 237 -23.03 4.44 7.45
C ALA A 237 -24.01 3.41 7.99
N THR A 238 -23.54 2.18 8.17
CA THR A 238 -24.42 1.14 8.75
C THR A 238 -24.37 1.12 10.27
N GLU A 239 -23.28 1.62 10.84
CA GLU A 239 -23.02 1.52 12.29
C GLU A 239 -22.15 2.71 12.62
N CYS A 240 -22.29 3.22 13.83
CA CYS A 240 -21.45 4.30 14.32
C CYS A 240 -20.94 3.97 15.70
N ILE A 241 -19.63 4.06 15.86
CA ILE A 241 -19.02 3.75 17.15
C ILE A 241 -18.05 4.83 17.63
N ASN A 242 -18.04 4.96 18.96
CA ASN A 242 -17.18 5.90 19.67
C ASN A 242 -16.12 5.11 20.41
N PRO A 243 -14.86 5.28 20.03
CA PRO A 243 -13.79 4.52 20.71
C PRO A 243 -13.86 4.67 22.23
N GLN A 244 -14.34 5.81 22.70
CA GLN A 244 -14.34 6.02 24.17
C GLN A 244 -15.34 5.13 24.88
N ASP A 245 -16.27 4.50 24.17
CA ASP A 245 -17.22 3.61 24.79
C ASP A 245 -16.70 2.23 25.12
N TYR A 246 -15.48 1.95 24.67
CA TYR A 246 -14.98 0.58 24.76
C TYR A 246 -13.82 0.47 25.73
N LYS A 247 -13.65 -0.75 26.26
CA LYS A 247 -12.57 -1.05 27.19
C LYS A 247 -11.29 -1.42 26.47
N LYS A 248 -11.40 -1.85 25.21
CA LYS A 248 -10.21 -2.22 24.41
C LYS A 248 -9.88 -1.16 23.36
N PRO A 249 -8.66 -1.15 22.80
CA PRO A 249 -8.36 -0.26 21.68
C PRO A 249 -9.28 -0.54 20.48
N ILE A 250 -9.55 0.53 19.76
CA ILE A 250 -10.58 0.52 18.75
C ILE A 250 -10.25 -0.48 17.62
N GLN A 251 -8.98 -0.66 17.29
CA GLN A 251 -8.63 -1.69 16.29
C GLN A 251 -9.06 -3.10 16.70
N GLU A 252 -8.96 -3.44 17.99
CA GLU A 252 -9.38 -4.77 18.43
C GLU A 252 -10.90 -4.89 18.42
N VAL A 253 -11.57 -3.83 18.87
CA VAL A 253 -13.04 -3.78 18.76
C VAL A 253 -13.46 -3.98 17.31
N LEU A 254 -12.87 -3.23 16.38
CA LEU A 254 -13.28 -3.37 14.98
C LEU A 254 -12.96 -4.76 14.42
N LYS A 255 -11.83 -5.36 14.76
CA LYS A 255 -11.48 -6.69 14.25
C LYS A 255 -12.51 -7.71 14.73
N GLU A 256 -12.92 -7.58 15.98
CA GLU A 256 -13.87 -8.56 16.51
C GLU A 256 -15.27 -8.43 15.94
N MET A 257 -15.60 -7.23 15.43
CA MET A 257 -16.88 -6.92 14.80
C MET A 257 -16.95 -7.42 13.39
N THR A 258 -15.78 -7.67 12.78
CA THR A 258 -15.72 -7.84 11.31
C THR A 258 -14.92 -9.08 10.91
N ASP A 259 -14.96 -10.13 11.72
CA ASP A 259 -14.31 -11.40 11.32
C ASP A 259 -12.83 -11.18 11.00
N GLY A 260 -12.16 -10.41 11.87
CA GLY A 260 -10.74 -10.29 11.75
C GLY A 260 -10.25 -8.97 11.20
N GLY A 261 -11.16 -8.09 10.78
CA GLY A 261 -10.76 -6.78 10.31
C GLY A 261 -11.51 -6.35 9.10
N VAL A 262 -11.58 -5.04 8.84
CA VAL A 262 -12.28 -4.54 7.65
C VAL A 262 -11.46 -4.79 6.38
N ASP A 263 -12.18 -4.79 5.26
CA ASP A 263 -11.53 -4.79 3.96
C ASP A 263 -10.86 -3.45 3.61
N PHE A 264 -11.48 -2.34 4.01
CA PHE A 264 -10.94 -1.00 3.74
C PHE A 264 -11.11 -0.12 4.93
N SER A 265 -10.01 0.46 5.42
CA SER A 265 -10.09 1.41 6.51
C SER A 265 -9.54 2.75 6.04
N PHE A 266 -10.08 3.85 6.56
CA PHE A 266 -9.74 5.22 6.12
C PHE A 266 -9.44 6.04 7.36
N GLU A 267 -8.32 6.75 7.38
CA GLU A 267 -8.11 7.67 8.47
C GLU A 267 -8.36 9.06 7.89
N VAL A 268 -9.35 9.73 8.45
CA VAL A 268 -9.79 11.02 7.96
C VAL A 268 -9.85 12.10 9.06
N ILE A 269 -8.74 12.11 9.81
CA ILE A 269 -8.59 13.00 10.97
C ILE A 269 -7.27 13.78 10.96
N GLY A 270 -6.18 13.05 10.81
CA GLY A 270 -4.84 13.65 10.78
C GLY A 270 -4.08 13.38 12.06
N GLN A 271 -4.31 12.26 12.73
CA GLN A 271 -3.59 12.01 14.00
C GLN A 271 -2.88 10.66 13.95
N LEU A 272 -1.70 10.58 14.56
CA LEU A 272 -0.93 9.36 14.42
C LEU A 272 -1.61 8.17 15.09
N ASP A 273 -2.24 8.36 16.25
CA ASP A 273 -2.84 7.25 16.97
C ASP A 273 -3.96 6.60 16.13
N THR A 274 -4.75 7.46 15.48
CA THR A 274 -5.80 6.92 14.65
C THR A 274 -5.23 6.42 13.34
N MET A 275 -4.11 6.94 12.84
CA MET A 275 -3.52 6.28 11.66
C MET A 275 -3.07 4.84 11.97
N MET A 276 -2.52 4.65 13.18
CA MET A 276 -2.11 3.33 13.60
C MET A 276 -3.35 2.41 13.72
N ALA A 277 -4.37 2.89 14.40
CA ALA A 277 -5.59 2.11 14.63
C ALA A 277 -6.24 1.73 13.32
N SER A 278 -6.23 2.67 12.39
CA SER A 278 -6.82 2.40 11.07
C SER A 278 -6.04 1.31 10.33
N LEU A 279 -4.72 1.36 10.32
CA LEU A 279 -3.91 0.32 9.74
C LEU A 279 -4.22 -1.04 10.37
N LEU A 280 -4.19 -1.06 11.69
CA LEU A 280 -4.34 -2.30 12.44
C LEU A 280 -5.75 -2.90 12.35
N CYS A 281 -6.76 -2.08 12.03
CA CYS A 281 -8.14 -2.62 12.05
C CYS A 281 -8.51 -3.26 10.71
N CYS A 282 -7.69 -3.10 9.67
CA CYS A 282 -8.02 -3.78 8.41
C CYS A 282 -7.41 -5.20 8.51
N HIS A 283 -8.02 -6.15 7.84
CA HIS A 283 -7.61 -7.53 8.00
C HIS A 283 -6.18 -7.74 7.52
N GLU A 284 -5.40 -8.50 8.28
CA GLU A 284 -3.97 -8.66 7.97
C GLU A 284 -3.69 -9.34 6.62
N ALA A 285 -4.67 -10.06 6.09
CA ALA A 285 -4.47 -10.77 4.83
C ALA A 285 -5.13 -10.14 3.64
N CYS A 286 -6.13 -9.29 3.87
CA CYS A 286 -6.83 -8.74 2.72
C CYS A 286 -7.18 -7.28 2.83
N GLY A 287 -6.71 -6.62 3.89
CA GLY A 287 -7.13 -5.26 4.11
C GLY A 287 -6.29 -4.21 3.41
N THR A 288 -6.96 -3.08 3.14
CA THR A 288 -6.34 -1.90 2.54
C THR A 288 -6.63 -0.73 3.45
N SER A 289 -5.60 0.02 3.86
CA SER A 289 -5.84 1.16 4.74
C SER A 289 -5.33 2.40 4.03
N VAL A 290 -6.15 3.42 4.00
CA VAL A 290 -5.85 4.66 3.27
C VAL A 290 -5.71 5.84 4.23
N ILE A 291 -4.59 6.59 4.15
CA ILE A 291 -4.46 7.81 4.90
C ILE A 291 -4.99 8.93 4.05
N VAL A 292 -5.97 9.61 4.62
CA VAL A 292 -6.51 10.84 4.07
C VAL A 292 -6.12 12.07 4.91
N GLY A 293 -6.24 11.92 6.23
CA GLY A 293 -5.86 12.99 7.15
C GLY A 293 -4.41 13.45 7.00
N VAL A 294 -4.26 14.77 7.22
CA VAL A 294 -2.91 15.35 7.16
C VAL A 294 -2.27 15.24 8.55
N PRO A 295 -1.18 14.47 8.64
CA PRO A 295 -0.49 14.28 9.93
C PRO A 295 0.24 15.54 10.33
N PRO A 296 0.50 15.68 11.63
CA PRO A 296 1.24 16.84 12.12
C PRO A 296 2.67 16.72 11.67
N ASP A 297 3.26 17.89 11.53
CA ASP A 297 4.55 18.02 10.94
C ASP A 297 5.74 17.18 11.55
N SER A 298 5.83 16.99 12.88
CA SER A 298 7.10 16.37 13.39
C SER A 298 7.03 15.01 14.15
N GLN A 299 6.37 13.99 13.58
CA GLN A 299 6.07 12.78 14.37
C GLN A 299 6.16 11.51 13.52
N ASN A 300 6.54 10.39 14.13
CA ASN A 300 6.65 9.12 13.42
C ASN A 300 5.75 8.06 14.03
N LEU A 301 5.26 7.16 13.17
CA LEU A 301 4.74 5.88 13.61
C LEU A 301 5.82 4.80 13.76
N SER A 302 5.65 3.88 14.70
CA SER A 302 6.54 2.75 14.89
C SER A 302 5.85 1.52 14.29
N ILE A 303 6.38 1.00 13.19
CA ILE A 303 5.67 0.01 12.39
C ILE A 303 6.51 -1.25 12.28
N ASN A 304 5.94 -2.39 12.63
CA ASN A 304 6.56 -3.68 12.37
C ASN A 304 6.19 -4.07 10.94
N PRO A 305 7.15 -4.26 10.04
CA PRO A 305 6.85 -4.63 8.64
C PRO A 305 6.02 -5.89 8.48
N MET A 306 5.98 -6.77 9.48
CA MET A 306 5.14 -7.95 9.45
C MET A 306 3.66 -7.59 9.27
N LEU A 307 3.26 -6.37 9.70
CA LEU A 307 1.91 -5.90 9.45
C LEU A 307 1.54 -5.88 7.99
N LEU A 308 2.52 -5.70 7.11
CA LEU A 308 2.25 -5.62 5.67
C LEU A 308 2.52 -6.95 5.04
N LEU A 309 3.46 -7.72 5.54
CA LEU A 309 3.96 -8.95 4.88
C LEU A 309 2.87 -10.01 4.65
N THR A 310 1.85 -10.01 5.51
CA THR A 310 0.75 -10.98 5.41
C THR A 310 -0.23 -10.64 4.29
N GLY A 311 -0.20 -9.41 3.78
CA GLY A 311 -1.08 -9.10 2.66
C GLY A 311 -1.77 -7.73 2.74
N ARG A 312 -1.45 -6.90 3.75
CA ARG A 312 -2.06 -5.57 3.80
C ARG A 312 -1.46 -4.60 2.81
N THR A 313 -2.28 -3.62 2.44
CA THR A 313 -1.90 -2.55 1.53
C THR A 313 -2.11 -1.25 2.32
N TRP A 314 -1.10 -0.39 2.37
CA TRP A 314 -1.24 0.85 3.06
C TRP A 314 -0.82 1.95 2.14
N LYS A 315 -1.67 2.95 1.97
CA LYS A 315 -1.40 3.98 1.00
C LYS A 315 -2.01 5.29 1.43
N GLY A 316 -1.63 6.37 0.77
CA GLY A 316 -2.25 7.65 1.02
C GLY A 316 -2.54 8.31 -0.33
N ALA A 317 -3.27 9.41 -0.30
CA ALA A 317 -3.46 10.22 -1.49
C ALA A 317 -3.91 11.63 -1.17
N ILE A 318 -3.66 12.52 -2.11
CA ILE A 318 -4.17 13.86 -2.10
C ILE A 318 -5.38 13.96 -3.03
N PHE A 319 -6.35 14.73 -2.58
CA PHE A 319 -7.53 15.07 -3.39
C PHE A 319 -8.20 13.82 -3.94
N GLY A 320 -8.29 12.74 -3.17
CA GLY A 320 -9.03 11.55 -3.54
C GLY A 320 -8.39 10.87 -4.73
N GLY A 321 -7.14 11.18 -5.05
CA GLY A 321 -6.45 10.64 -6.22
C GLY A 321 -6.97 11.21 -7.53
N PHE A 322 -7.85 12.21 -7.48
CA PHE A 322 -8.38 12.77 -8.77
C PHE A 322 -7.35 13.63 -9.49
N LYS A 323 -7.16 13.41 -10.79
CA LYS A 323 -6.42 14.33 -11.61
C LYS A 323 -7.30 15.56 -11.72
N SER A 324 -6.85 16.65 -11.19
CA SER A 324 -7.75 17.70 -10.80
C SER A 324 -8.52 18.42 -11.94
N LYS A 325 -7.79 18.84 -12.97
CA LYS A 325 -8.41 19.66 -14.00
C LYS A 325 -9.38 18.84 -14.88
N GLU A 326 -9.04 17.60 -15.13
CA GLU A 326 -9.99 16.76 -15.91
C GLU A 326 -11.15 16.31 -15.03
N SER A 327 -10.94 16.12 -13.72
CA SER A 327 -11.98 15.52 -12.91
C SER A 327 -13.02 16.45 -12.37
N VAL A 328 -12.59 17.66 -11.98
CA VAL A 328 -13.47 18.60 -11.31
C VAL A 328 -14.68 18.94 -12.19
N PRO A 329 -14.52 19.21 -13.51
CA PRO A 329 -15.73 19.46 -14.34
C PRO A 329 -16.66 18.24 -14.39
N LYS A 330 -16.11 17.02 -14.39
CA LYS A 330 -16.96 15.82 -14.46
C LYS A 330 -17.74 15.63 -13.17
N LEU A 331 -17.11 15.93 -12.03
CA LEU A 331 -17.80 15.81 -10.79
C LEU A 331 -18.89 16.90 -10.65
N VAL A 332 -18.65 18.11 -11.08
CA VAL A 332 -19.66 19.13 -11.13
C VAL A 332 -20.79 18.64 -12.08
N ALA A 333 -20.44 18.11 -13.25
CA ALA A 333 -21.52 17.58 -14.14
C ALA A 333 -22.34 16.46 -13.50
N ASP A 334 -21.73 15.62 -12.69
CA ASP A 334 -22.46 14.55 -11.99
C ASP A 334 -23.41 15.20 -10.99
N PHE A 335 -22.95 16.27 -10.34
CA PHE A 335 -23.77 16.98 -9.38
C PHE A 335 -25.02 17.57 -10.06
N MET A 336 -24.77 18.14 -11.23
CA MET A 336 -25.87 18.79 -11.97
C MET A 336 -26.81 17.73 -12.52
N ALA A 337 -26.30 16.52 -12.75
CA ALA A 337 -27.16 15.43 -13.25
C ALA A 337 -27.88 14.70 -12.08
N LYS A 338 -27.71 15.27 -10.89
CA LYS A 338 -28.37 14.76 -9.69
C LYS A 338 -27.86 13.44 -9.14
N LYS A 339 -26.60 13.11 -9.45
CA LYS A 339 -26.06 11.84 -9.04
C LYS A 339 -25.76 11.81 -7.54
N PHE A 340 -25.48 12.98 -7.00
CA PHE A 340 -25.24 13.10 -5.55
C PHE A 340 -25.62 14.48 -5.12
N SER A 341 -25.74 14.69 -3.80
CA SER A 341 -26.13 15.96 -3.28
C SER A 341 -25.10 16.35 -2.24
N LEU A 342 -24.92 17.64 -2.06
CA LEU A 342 -23.94 18.19 -1.11
C LEU A 342 -24.58 18.87 0.09
N ASP A 343 -25.90 19.00 0.11
CA ASP A 343 -26.58 19.79 1.14
C ASP A 343 -26.30 19.29 2.55
N ALA A 344 -26.16 17.98 2.73
CA ALA A 344 -25.94 17.44 4.10
C ALA A 344 -24.61 17.93 4.60
N LEU A 345 -23.66 18.23 3.73
CA LEU A 345 -22.31 18.62 4.25
C LEU A 345 -22.24 20.08 4.64
N ILE A 346 -23.21 20.87 4.21
CA ILE A 346 -23.15 22.28 4.40
C ILE A 346 -24.05 22.63 5.57
N THR A 347 -23.44 22.90 6.72
CA THR A 347 -24.23 23.11 7.95
C THR A 347 -24.39 24.57 8.31
N ASN A 348 -23.51 25.42 7.80
CA ASN A 348 -23.52 26.83 8.12
C ASN A 348 -23.12 27.64 6.93
N VAL A 349 -23.76 28.79 6.80
CA VAL A 349 -23.40 29.73 5.76
C VAL A 349 -23.22 31.10 6.41
N LEU A 350 -22.10 31.72 6.13
CA LEU A 350 -21.71 32.98 6.74
C LEU A 350 -21.10 33.90 5.70
N PRO A 351 -21.15 35.22 5.91
CA PRO A 351 -20.40 36.11 5.02
C PRO A 351 -18.93 35.99 5.24
N PHE A 352 -18.15 36.21 4.19
CA PHE A 352 -16.71 36.18 4.24
C PHE A 352 -16.12 36.89 5.46
N GLU A 353 -16.71 38.04 5.78
CA GLU A 353 -16.22 38.88 6.87
C GLU A 353 -16.28 38.15 8.22
N LYS A 354 -17.15 37.15 8.33
CA LYS A 354 -17.29 36.36 9.58
C LYS A 354 -16.45 35.09 9.54
N ILE A 355 -15.34 35.11 8.78
CA ILE A 355 -14.45 33.96 8.72
C ILE A 355 -14.03 33.44 10.12
N ASN A 356 -13.76 34.34 11.06
CA ASN A 356 -13.27 33.83 12.34
C ASN A 356 -14.37 33.08 13.09
N GLU A 357 -15.62 33.53 13.00
CA GLU A 357 -16.75 32.74 13.51
C GLU A 357 -16.84 31.37 12.83
N GLY A 358 -16.65 31.30 11.49
CA GLY A 358 -16.59 30.02 10.83
C GLY A 358 -15.54 29.08 11.31
N PHE A 359 -14.34 29.60 11.61
CA PHE A 359 -13.30 28.76 12.19
C PHE A 359 -13.61 28.36 13.64
N ASP A 360 -14.26 29.26 14.35
CA ASP A 360 -14.65 28.91 15.72
C ASP A 360 -15.67 27.78 15.72
N LEU A 361 -16.57 27.75 14.74
CA LEU A 361 -17.53 26.66 14.62
C LEU A 361 -16.84 25.34 14.36
N LEU A 362 -15.84 25.34 13.49
CA LEU A 362 -15.10 24.14 13.17
C LEU A 362 -14.35 23.66 14.44
N ARG A 363 -13.69 24.58 15.12
CA ARG A 363 -12.89 24.19 16.29
C ARG A 363 -13.74 23.68 17.44
N SER A 364 -14.94 24.19 17.57
CA SER A 364 -15.86 23.75 18.64
C SER A 364 -16.61 22.45 18.33
N GLY A 365 -16.37 21.88 17.14
CA GLY A 365 -17.01 20.62 16.76
C GLY A 365 -18.41 20.72 16.17
N LYS A 366 -18.91 21.94 16.02
CA LYS A 366 -20.32 22.20 15.81
C LYS A 366 -20.64 22.04 14.33
N SER A 367 -19.68 22.38 13.47
CA SER A 367 -20.03 22.39 12.04
C SER A 367 -19.38 21.23 11.31
N ILE A 368 -19.94 20.99 10.11
CA ILE A 368 -19.29 20.16 9.11
C ILE A 368 -18.57 21.15 8.19
N ARG A 369 -19.23 21.60 7.10
CA ARG A 369 -18.70 22.71 6.35
C ARG A 369 -19.47 24.03 6.54
N THR A 370 -18.75 25.07 6.91
CA THR A 370 -19.20 26.44 6.73
C THR A 370 -18.72 26.90 5.38
N VAL A 371 -19.69 27.44 4.60
CA VAL A 371 -19.39 28.09 3.33
C VAL A 371 -19.52 29.60 3.51
N LEU A 372 -18.46 30.28 3.13
CA LEU A 372 -18.38 31.73 3.21
C LEU A 372 -18.87 32.29 1.85
N THR A 373 -19.72 33.31 1.94
CA THR A 373 -20.23 34.00 0.71
C THR A 373 -19.54 35.35 0.56
N PHE A 374 -19.24 35.75 -0.68
CA PHE A 374 -18.45 36.97 -0.85
C PHE A 374 -19.23 38.23 -1.25
N SER B 1 4.96 -53.01 1.16
CA SER B 1 4.18 -51.74 1.25
C SER B 1 4.49 -50.97 2.53
N THR B 2 4.42 -49.64 2.45
CA THR B 2 4.63 -48.78 3.62
C THR B 2 3.28 -48.20 4.08
N ALA B 3 2.27 -48.38 3.23
CA ALA B 3 0.94 -47.84 3.45
C ALA B 3 0.33 -48.32 4.76
N GLY B 4 -0.12 -47.37 5.58
CA GLY B 4 -0.73 -47.69 6.87
C GLY B 4 0.28 -47.89 7.98
N LYS B 5 1.57 -47.83 7.63
CA LYS B 5 2.65 -48.14 8.57
C LYS B 5 3.55 -46.97 8.91
N VAL B 6 4.18 -47.05 10.07
CA VAL B 6 5.16 -46.06 10.49
C VAL B 6 6.46 -46.26 9.69
N ILE B 7 6.90 -45.22 8.99
CA ILE B 7 8.15 -45.30 8.21
C ILE B 7 9.33 -44.75 9.01
N LYS B 8 10.42 -45.51 9.05
CA LYS B 8 11.66 -45.05 9.68
C LYS B 8 12.52 -44.54 8.53
N CYS B 9 12.85 -43.25 8.53
CA CYS B 9 13.64 -42.69 7.44
C CYS B 9 14.66 -41.65 7.88
N LYS B 10 15.38 -41.10 6.91
CA LYS B 10 16.42 -40.12 7.21
C LYS B 10 15.80 -38.72 7.17
N ALA B 11 16.17 -37.85 8.10
CA ALA B 11 15.75 -36.45 8.06
C ALA B 11 16.83 -35.53 8.63
N ALA B 12 16.77 -34.25 8.28
CA ALA B 12 17.70 -33.26 8.83
C ALA B 12 16.99 -32.56 10.00
N VAL B 13 17.49 -32.77 11.22
CA VAL B 13 16.81 -32.24 12.40
C VAL B 13 17.66 -31.12 12.96
N LEU B 14 17.01 -30.00 13.28
CA LEU B 14 17.68 -28.91 13.95
C LEU B 14 17.33 -28.97 15.44
N TRP B 15 18.34 -29.27 16.28
CA TRP B 15 18.13 -29.41 17.73
C TRP B 15 18.35 -28.10 18.45
N GLU B 16 19.24 -27.28 17.91
CA GLU B 16 19.66 -26.05 18.57
C GLU B 16 19.85 -24.95 17.54
N LEU B 17 19.59 -23.71 17.93
CA LEU B 17 19.90 -22.56 17.10
C LEU B 17 21.41 -22.43 16.82
N LYS B 18 21.71 -22.01 15.59
CA LYS B 18 23.06 -21.67 15.16
C LYS B 18 24.00 -22.88 15.11
N LYS B 19 23.42 -24.08 15.00
CA LYS B 19 24.19 -25.31 14.93
C LYS B 19 23.91 -26.03 13.60
N PRO B 20 24.81 -26.90 13.14
CA PRO B 20 24.56 -27.72 11.93
C PRO B 20 23.33 -28.60 12.08
N PHE B 21 22.70 -28.95 10.96
CA PHE B 21 21.65 -29.94 10.95
C PHE B 21 22.22 -31.28 11.31
N SER B 22 21.42 -32.08 12.00
CA SER B 22 21.84 -33.43 12.30
C SER B 22 21.08 -34.38 11.42
N ILE B 23 21.79 -35.25 10.70
CA ILE B 23 21.13 -36.31 9.94
C ILE B 23 20.74 -37.41 10.93
N GLU B 24 19.46 -37.50 11.25
CA GLU B 24 18.96 -38.52 12.17
C GLU B 24 18.08 -39.52 11.43
N GLU B 25 17.84 -40.69 12.03
CA GLU B 25 16.73 -41.54 11.61
C GLU B 25 15.52 -41.09 12.42
N VAL B 26 14.39 -40.88 11.75
CA VAL B 26 13.17 -40.45 12.42
C VAL B 26 12.03 -41.39 12.07
N GLU B 27 10.99 -41.38 12.91
CA GLU B 27 9.75 -42.11 12.68
C GLU B 27 8.65 -41.19 12.14
N VAL B 28 8.04 -41.60 11.03
CA VAL B 28 7.03 -40.84 10.30
C VAL B 28 5.68 -41.57 10.24
N ALA B 29 4.76 -41.15 11.11
CA ALA B 29 3.43 -41.78 11.21
C ALA B 29 2.69 -41.69 9.88
N PRO B 30 1.77 -42.63 9.62
CA PRO B 30 0.94 -42.60 8.40
C PRO B 30 -0.09 -41.44 8.37
N PRO B 31 -0.65 -41.07 7.19
CA PRO B 31 -1.58 -39.94 7.07
C PRO B 31 -3.02 -40.20 7.57
N LYS B 32 -3.56 -39.27 8.37
CA LYS B 32 -4.92 -39.38 8.91
C LYS B 32 -5.92 -38.90 7.88
N ALA B 33 -7.18 -38.73 8.27
CA ALA B 33 -8.17 -38.25 7.32
C ALA B 33 -7.65 -36.93 6.75
N HIS B 34 -7.86 -36.75 5.45
CA HIS B 34 -7.52 -35.54 4.71
C HIS B 34 -6.04 -35.15 4.79
N GLU B 35 -5.18 -36.17 4.92
CA GLU B 35 -3.72 -35.98 4.89
C GLU B 35 -3.11 -36.77 3.76
N VAL B 36 -1.88 -36.41 3.42
CA VAL B 36 -1.15 -36.96 2.29
C VAL B 36 0.30 -37.19 2.76
N ARG B 37 0.78 -38.42 2.63
CA ARG B 37 2.20 -38.67 2.91
C ARG B 37 2.98 -38.64 1.60
N ILE B 38 4.09 -37.91 1.63
CA ILE B 38 4.87 -37.68 0.42
C ILE B 38 6.30 -38.19 0.56
N LYS B 39 6.76 -38.89 -0.46
CA LYS B 39 8.16 -39.28 -0.60
C LYS B 39 8.89 -38.15 -1.34
N MET B 40 9.86 -37.49 -0.70
CA MET B 40 10.48 -36.32 -1.32
C MET B 40 11.36 -36.75 -2.49
N VAL B 41 11.29 -36.03 -3.61
CA VAL B 41 12.26 -36.18 -4.70
C VAL B 41 13.36 -35.07 -4.69
N ALA B 42 12.94 -33.82 -4.54
CA ALA B 42 13.88 -32.71 -4.52
C ALA B 42 13.44 -31.63 -3.54
N ALA B 43 14.40 -31.02 -2.82
CA ALA B 43 14.10 -29.91 -1.90
C ALA B 43 15.10 -28.79 -2.08
N GLY B 44 14.62 -27.56 -2.25
CA GLY B 44 15.50 -26.41 -2.37
C GLY B 44 15.85 -25.82 -1.00
N ILE B 45 16.97 -25.09 -0.93
CA ILE B 45 17.39 -24.40 0.29
C ILE B 45 17.07 -22.93 0.13
N CYS B 46 16.19 -22.44 1.00
CA CYS B 46 15.74 -21.05 0.96
C CYS B 46 16.28 -20.27 2.17
N ARG B 47 16.44 -18.95 2.04
CA ARG B 47 16.91 -18.14 3.17
C ARG B 47 15.95 -18.29 4.36
N SER B 48 14.67 -18.51 4.12
CA SER B 48 13.73 -18.61 5.25
C SER B 48 14.08 -19.79 6.18
N ASP B 49 14.55 -20.88 5.61
CA ASP B 49 15.03 -22.01 6.42
C ASP B 49 16.20 -21.51 7.29
N GLU B 50 17.15 -20.78 6.68
CA GLU B 50 18.30 -20.23 7.41
C GLU B 50 17.86 -19.18 8.45
N HIS B 51 16.76 -18.46 8.23
CA HIS B 51 16.26 -17.54 9.27
C HIS B 51 15.92 -18.26 10.56
N VAL B 52 15.52 -19.51 10.44
CA VAL B 52 15.18 -20.28 11.65
C VAL B 52 16.48 -20.69 12.34
N VAL B 53 17.44 -21.18 11.57
CA VAL B 53 18.75 -21.58 12.12
C VAL B 53 19.38 -20.42 12.90
N SER B 54 19.34 -19.21 12.32
CA SER B 54 19.96 -18.03 12.95
C SER B 54 19.19 -17.46 14.14
N GLY B 55 17.94 -17.89 14.31
CA GLY B 55 17.06 -17.37 15.34
C GLY B 55 16.33 -16.09 14.94
N ASN B 56 16.41 -15.72 13.64
CA ASN B 56 15.71 -14.55 13.14
C ASN B 56 14.21 -14.75 13.01
N LEU B 57 13.83 -15.97 12.66
CA LEU B 57 12.44 -16.42 12.57
C LEU B 57 12.23 -17.54 13.61
N VAL B 58 11.37 -17.25 14.59
CA VAL B 58 11.17 -18.16 15.71
C VAL B 58 10.15 -19.19 15.31
N THR B 59 10.49 -20.45 15.55
CA THR B 59 9.54 -21.56 15.45
C THR B 59 10.03 -22.61 16.48
N PRO B 60 9.13 -23.43 17.04
CA PRO B 60 9.54 -24.39 18.10
C PRO B 60 10.55 -25.45 17.66
N LEU B 61 11.60 -25.64 18.47
CA LEU B 61 12.61 -26.68 18.28
C LEU B 61 12.37 -27.84 19.26
N PRO B 62 12.79 -29.07 18.92
CA PRO B 62 13.56 -29.42 17.71
C PRO B 62 12.65 -29.45 16.50
N VAL B 63 13.21 -29.31 15.30
CA VAL B 63 12.36 -29.16 14.10
C VAL B 63 13.04 -29.74 12.89
N ILE B 64 12.23 -30.26 11.98
CA ILE B 64 12.63 -30.54 10.60
C ILE B 64 12.18 -29.40 9.69
N LEU B 65 13.15 -28.70 9.11
CA LEU B 65 12.87 -27.52 8.29
C LEU B 65 12.59 -27.93 6.85
N GLY B 66 12.62 -26.99 5.91
CA GLY B 66 12.38 -27.38 4.53
C GLY B 66 10.95 -27.07 4.12
N HIS B 67 10.80 -26.32 3.02
CA HIS B 67 9.46 -25.95 2.57
C HIS B 67 9.30 -25.72 1.07
N GLU B 68 10.41 -25.87 0.36
CA GLU B 68 10.44 -25.65 -1.10
C GLU B 68 10.81 -27.00 -1.71
N ALA B 69 9.81 -27.76 -2.20
CA ALA B 69 10.09 -29.15 -2.52
C ALA B 69 9.07 -29.70 -3.51
N ALA B 70 9.41 -30.86 -4.05
CA ALA B 70 8.49 -31.61 -4.92
C ALA B 70 8.69 -33.09 -4.61
N GLY B 71 7.62 -33.88 -4.76
CA GLY B 71 7.71 -35.29 -4.47
C GLY B 71 6.59 -36.07 -5.13
N ILE B 72 6.45 -37.32 -4.71
CA ILE B 72 5.44 -38.19 -5.30
C ILE B 72 4.60 -38.75 -4.15
N VAL B 73 3.28 -38.73 -4.32
CA VAL B 73 2.38 -39.22 -3.25
C VAL B 73 2.52 -40.74 -3.09
N GLU B 74 2.89 -41.14 -1.90
CA GLU B 74 3.00 -42.54 -1.54
C GLU B 74 1.60 -43.04 -1.19
N SER B 75 0.90 -42.29 -0.33
CA SER B 75 -0.50 -42.57 -0.02
C SER B 75 -1.28 -41.39 0.61
N VAL B 76 -2.59 -41.56 0.60
CA VAL B 76 -3.54 -40.55 1.05
C VAL B 76 -4.48 -41.14 2.10
N GLY B 77 -4.90 -40.32 3.06
CA GLY B 77 -5.91 -40.75 4.03
C GLY B 77 -7.32 -40.69 3.50
N GLU B 78 -8.26 -41.09 4.36
CA GLU B 78 -9.66 -41.04 3.99
C GLU B 78 -10.10 -39.60 3.70
N GLY B 79 -10.94 -39.46 2.67
CA GLY B 79 -11.53 -38.17 2.35
C GLY B 79 -10.77 -37.37 1.33
N VAL B 80 -9.52 -37.75 1.05
CA VAL B 80 -8.68 -37.03 0.08
C VAL B 80 -9.12 -37.32 -1.35
N THR B 81 -9.47 -36.27 -2.10
CA THR B 81 -9.93 -36.39 -3.49
C THR B 81 -9.06 -35.68 -4.52
N THR B 82 -8.14 -34.83 -4.09
CA THR B 82 -7.47 -33.95 -5.07
C THR B 82 -6.13 -34.50 -5.54
N VAL B 83 -5.53 -35.36 -4.72
CA VAL B 83 -4.31 -36.07 -5.06
C VAL B 83 -4.49 -37.56 -4.73
N LYS B 84 -3.69 -38.40 -5.37
CA LYS B 84 -3.70 -39.84 -5.12
C LYS B 84 -2.28 -40.39 -5.24
N PRO B 85 -2.04 -41.61 -4.74
CA PRO B 85 -0.72 -42.24 -4.83
C PRO B 85 -0.14 -42.19 -6.26
N GLY B 86 1.13 -41.82 -6.35
CA GLY B 86 1.79 -41.69 -7.65
C GLY B 86 1.72 -40.33 -8.35
N ASP B 87 0.83 -39.44 -7.91
CA ASP B 87 0.78 -38.10 -8.48
C ASP B 87 2.07 -37.37 -8.11
N LYS B 88 2.56 -36.55 -9.05
CA LYS B 88 3.62 -35.60 -8.72
C LYS B 88 2.96 -34.43 -7.99
N VAL B 89 3.61 -33.96 -6.93
CA VAL B 89 3.02 -32.89 -6.16
C VAL B 89 4.06 -31.94 -5.60
N ILE B 90 3.58 -30.74 -5.29
CA ILE B 90 4.38 -29.76 -4.54
C ILE B 90 3.64 -29.43 -3.22
N PRO B 91 4.30 -29.59 -2.06
CA PRO B 91 3.71 -29.20 -0.77
C PRO B 91 3.65 -27.68 -0.64
N LEU B 92 2.63 -27.21 0.05
CA LEU B 92 2.28 -25.77 0.07
C LEU B 92 2.49 -25.24 1.49
N PHE B 93 3.56 -24.46 1.66
CA PHE B 93 3.76 -23.83 2.98
C PHE B 93 2.66 -22.80 3.32
N THR B 94 1.96 -22.25 2.31
CA THR B 94 0.76 -21.50 2.55
C THR B 94 -0.36 -22.37 2.02
N PRO B 95 -1.23 -22.87 2.90
CA PRO B 95 -2.32 -23.73 2.45
C PRO B 95 -3.40 -22.98 1.65
N GLN B 96 -4.31 -23.71 1.00
CA GLN B 96 -5.50 -23.14 0.40
C GLN B 96 -6.70 -24.03 0.75
N CYS B 97 -7.31 -23.78 1.91
CA CYS B 97 -8.44 -24.57 2.41
C CYS B 97 -9.68 -24.38 1.54
N GLY B 98 -9.78 -23.22 0.86
CA GLY B 98 -10.82 -22.95 -0.11
C GLY B 98 -12.12 -22.51 0.55
N LYS B 99 -12.15 -22.47 1.88
CA LYS B 99 -13.38 -22.27 2.66
C LYS B 99 -13.39 -21.06 3.59
N CYS B 100 -12.20 -20.54 3.94
CA CYS B 100 -12.09 -19.47 4.91
C CYS B 100 -12.31 -18.14 4.23
N ARG B 101 -12.54 -17.09 5.01
CA ARG B 101 -12.72 -15.77 4.45
C ARG B 101 -11.66 -15.41 3.42
N ILE B 102 -10.40 -15.69 3.78
CA ILE B 102 -9.29 -15.30 2.90
C ILE B 102 -9.26 -16.11 1.60
N CYS B 103 -9.53 -17.39 1.70
CA CYS B 103 -9.54 -18.24 0.51
C CYS B 103 -10.69 -17.85 -0.42
N LYS B 104 -11.82 -17.40 0.14
CA LYS B 104 -12.94 -16.97 -0.72
C LYS B 104 -12.76 -15.60 -1.39
N ASN B 105 -11.86 -14.78 -0.82
CA ASN B 105 -11.61 -13.44 -1.31
C ASN B 105 -10.63 -13.55 -2.51
N PRO B 106 -11.02 -13.09 -3.70
CA PRO B 106 -10.19 -13.33 -4.89
C PRO B 106 -8.82 -12.67 -4.86
N GLU B 107 -8.66 -11.66 -4.00
CA GLU B 107 -7.45 -10.87 -3.98
C GLU B 107 -6.44 -11.29 -2.92
N SER B 108 -6.77 -12.29 -2.10
CA SER B 108 -5.89 -12.65 -0.96
C SER B 108 -5.53 -14.13 -0.97
N ASN B 109 -4.47 -14.50 -0.26
CA ASN B 109 -4.01 -15.89 -0.26
C ASN B 109 -3.52 -16.41 1.08
N TYR B 110 -3.49 -15.56 2.12
CA TYR B 110 -2.93 -16.02 3.41
C TYR B 110 -3.97 -16.78 4.24
N CYS B 111 -4.13 -18.04 3.86
CA CYS B 111 -5.17 -18.91 4.41
C CYS B 111 -5.11 -18.98 5.91
N LEU B 112 -6.27 -18.96 6.55
CA LEU B 112 -6.31 -19.00 8.02
C LEU B 112 -5.77 -20.30 8.62
N LYS B 113 -5.56 -21.31 7.77
CA LYS B 113 -4.98 -22.59 8.24
C LYS B 113 -3.44 -22.62 8.28
N ASN B 114 -2.81 -21.50 7.94
CA ASN B 114 -1.33 -21.42 7.96
C ASN B 114 -0.72 -21.59 9.35
N ASP B 115 0.53 -22.05 9.40
CA ASP B 115 1.31 -22.09 10.63
C ASP B 115 2.46 -21.08 10.60
N LEU B 116 2.24 -19.93 9.96
CA LEU B 116 3.31 -18.95 9.73
C LEU B 116 3.33 -17.86 10.78
N GLY B 117 2.14 -17.46 11.25
CA GLY B 117 2.00 -16.25 12.05
C GLY B 117 2.42 -16.50 13.47
N ASN B 118 1.67 -17.38 14.13
CA ASN B 118 1.97 -17.84 15.46
C ASN B 118 2.31 -19.33 15.35
N PRO B 119 3.60 -19.65 15.12
CA PRO B 119 3.98 -21.05 14.85
C PRO B 119 3.85 -22.00 16.05
N ARG B 120 3.13 -23.08 15.80
CA ARG B 120 2.96 -24.22 16.70
C ARG B 120 3.87 -25.39 16.28
N GLY B 121 4.19 -25.48 14.98
CA GLY B 121 5.05 -26.57 14.53
C GLY B 121 4.35 -27.92 14.47
N THR B 122 3.06 -27.90 14.13
CA THR B 122 2.26 -29.09 13.95
C THR B 122 1.58 -29.12 12.60
N LEU B 123 0.78 -30.17 12.38
CA LEU B 123 -0.20 -30.21 11.31
C LEU B 123 -1.50 -29.49 11.75
N GLN B 124 -2.48 -29.39 10.84
CA GLN B 124 -3.65 -28.55 11.10
C GLN B 124 -4.55 -29.12 12.20
N ASP B 125 -4.40 -30.40 12.51
CA ASP B 125 -5.10 -30.96 13.69
C ASP B 125 -4.37 -30.73 15.03
N GLY B 126 -3.24 -30.00 15.02
CA GLY B 126 -2.53 -29.66 16.25
C GLY B 126 -1.52 -30.66 16.84
N THR B 127 -1.30 -31.76 16.13
CA THR B 127 -0.27 -32.71 16.55
C THR B 127 0.85 -32.87 15.52
N ARG B 128 1.91 -33.55 15.96
CA ARG B 128 3.11 -33.79 15.17
C ARG B 128 3.16 -35.25 14.70
N ARG B 129 3.72 -35.49 13.52
CA ARG B 129 3.83 -36.84 12.95
C ARG B 129 5.27 -37.35 12.95
N PHE B 130 6.18 -36.63 13.59
CA PHE B 130 7.58 -37.02 13.62
C PHE B 130 8.02 -37.30 15.04
N THR B 131 8.82 -38.38 15.17
CA THR B 131 9.58 -38.67 16.38
C THR B 131 10.99 -39.15 16.02
N CYS B 132 11.97 -38.76 16.84
CA CYS B 132 13.33 -39.17 16.66
C CYS B 132 13.77 -39.88 17.93
N SER B 133 13.67 -41.22 17.90
CA SER B 133 13.90 -42.10 19.05
C SER B 133 12.94 -41.75 20.19
N GLY B 134 11.64 -41.80 19.90
CA GLY B 134 10.61 -41.47 20.88
C GLY B 134 10.41 -40.00 21.23
N LYS B 135 11.47 -39.17 21.15
CA LYS B 135 11.34 -37.71 21.33
C LYS B 135 10.56 -37.09 20.15
N PRO B 136 9.56 -36.25 20.41
CA PRO B 136 8.79 -35.65 19.30
C PRO B 136 9.58 -34.55 18.57
N ILE B 137 9.31 -34.43 17.28
CA ILE B 137 9.96 -33.43 16.43
C ILE B 137 8.91 -32.54 15.78
N HIS B 138 9.08 -31.24 15.92
CA HIS B 138 8.15 -30.27 15.32
C HIS B 138 8.17 -30.26 13.80
N HIS B 139 7.02 -29.92 13.21
CA HIS B 139 6.88 -29.60 11.77
C HIS B 139 7.29 -28.12 11.54
N PHE B 140 7.49 -27.78 10.26
CA PHE B 140 7.79 -26.42 9.86
C PHE B 140 6.81 -26.02 8.80
N VAL B 141 6.06 -24.95 9.11
CA VAL B 141 5.03 -24.35 8.24
C VAL B 141 4.21 -25.42 7.56
N GLY B 142 3.85 -26.45 8.33
CA GLY B 142 3.04 -27.54 7.86
C GLY B 142 3.60 -28.56 6.85
N VAL B 143 4.87 -28.42 6.46
CA VAL B 143 5.36 -29.19 5.33
C VAL B 143 6.66 -29.97 5.57
N SER B 144 7.60 -29.43 6.35
CA SER B 144 8.82 -30.16 6.77
C SER B 144 9.46 -31.04 5.69
N THR B 145 10.03 -30.40 4.66
CA THR B 145 10.41 -31.16 3.47
C THR B 145 11.85 -31.71 3.52
N PHE B 146 12.67 -31.39 4.55
CA PHE B 146 14.04 -31.92 4.69
C PHE B 146 13.99 -33.28 5.39
N SER B 147 13.23 -34.17 4.78
CA SER B 147 13.05 -35.52 5.27
C SER B 147 12.66 -36.36 4.07
N GLN B 148 13.05 -37.64 4.08
CA GLN B 148 12.73 -38.52 2.95
C GLN B 148 11.23 -38.74 2.80
N TYR B 149 10.52 -38.64 3.90
CA TYR B 149 9.07 -38.65 3.89
C TYR B 149 8.51 -37.61 4.84
N THR B 150 7.43 -36.97 4.44
CA THR B 150 6.71 -36.07 5.31
C THR B 150 5.21 -36.29 5.14
N VAL B 151 4.45 -35.76 6.09
CA VAL B 151 2.99 -35.85 6.05
C VAL B 151 2.44 -34.43 6.05
N VAL B 152 1.54 -34.15 5.13
CA VAL B 152 0.94 -32.80 5.07
C VAL B 152 -0.58 -32.85 4.85
N ASP B 153 -1.26 -31.75 5.21
CA ASP B 153 -2.70 -31.65 5.00
C ASP B 153 -3.06 -31.61 3.53
N GLU B 154 -4.22 -32.14 3.16
CA GLU B 154 -4.60 -32.12 1.75
C GLU B 154 -4.61 -30.72 1.12
N ASN B 155 -4.97 -29.73 1.93
CA ASN B 155 -5.15 -28.38 1.41
C ASN B 155 -3.78 -27.66 1.33
N ALA B 156 -2.73 -28.39 1.74
CA ALA B 156 -1.33 -27.94 1.62
C ALA B 156 -0.51 -28.80 0.65
N VAL B 157 -1.16 -29.32 -0.41
CA VAL B 157 -0.47 -30.09 -1.46
C VAL B 157 -1.16 -29.84 -2.81
N ALA B 158 -0.35 -29.58 -3.83
CA ALA B 158 -0.88 -29.36 -5.17
C ALA B 158 -0.43 -30.46 -6.14
N LYS B 159 -1.39 -30.97 -6.91
CA LYS B 159 -1.10 -31.91 -7.99
C LYS B 159 -0.58 -31.16 -9.18
N ILE B 160 0.58 -31.59 -9.67
CA ILE B 160 1.18 -30.94 -10.84
C ILE B 160 1.36 -31.92 -12.01
N ASP B 161 1.69 -31.38 -13.19
CA ASP B 161 1.92 -32.16 -14.43
C ASP B 161 2.71 -33.45 -14.18
N ALA B 162 2.20 -34.60 -14.67
CA ALA B 162 2.85 -35.88 -14.38
C ALA B 162 4.24 -35.96 -15.01
N ALA B 163 4.45 -35.17 -16.06
CA ALA B 163 5.74 -35.11 -16.75
C ALA B 163 6.76 -34.09 -16.18
N SER B 164 6.42 -33.44 -15.05
CA SER B 164 7.27 -32.42 -14.44
C SER B 164 8.63 -32.92 -13.93
N PRO B 165 9.72 -32.24 -14.30
CA PRO B 165 11.03 -32.55 -13.73
C PRO B 165 11.14 -32.00 -12.32
N LEU B 166 11.01 -32.86 -11.31
CA LEU B 166 10.90 -32.41 -9.92
C LEU B 166 12.13 -31.68 -9.36
N GLU B 167 13.30 -31.99 -9.92
CA GLU B 167 14.57 -31.40 -9.53
C GLU B 167 14.64 -29.90 -9.90
N LYS B 168 13.75 -29.47 -10.80
CA LYS B 168 13.66 -28.07 -11.21
C LYS B 168 12.42 -27.41 -10.62
N VAL B 169 11.27 -28.06 -10.74
CA VAL B 169 10.00 -27.41 -10.38
C VAL B 169 9.74 -27.28 -8.88
N CYS B 170 10.58 -27.94 -8.05
CA CYS B 170 10.52 -27.69 -6.61
C CYS B 170 10.58 -26.20 -6.31
N LEU B 171 11.30 -25.42 -7.13
CA LEU B 171 11.42 -23.97 -6.91
C LEU B 171 10.06 -23.27 -6.93
N ILE B 172 9.10 -23.85 -7.63
CA ILE B 172 7.77 -23.27 -7.67
C ILE B 172 7.08 -23.40 -6.29
N GLY B 173 7.63 -24.26 -5.41
CA GLY B 173 7.11 -24.39 -4.06
C GLY B 173 7.43 -23.22 -3.16
N CYS B 174 8.39 -22.38 -3.56
CA CYS B 174 8.62 -21.19 -2.82
C CYS B 174 9.25 -20.07 -3.58
N GLY B 175 10.56 -20.18 -3.83
CA GLY B 175 11.37 -19.05 -4.27
C GLY B 175 10.91 -18.39 -5.56
N PHE B 176 10.71 -19.20 -6.59
CA PHE B 176 10.33 -18.63 -7.88
C PHE B 176 8.92 -18.00 -7.81
N SER B 177 7.96 -18.77 -7.30
CA SER B 177 6.60 -18.26 -7.22
C SER B 177 6.49 -17.01 -6.41
N THR B 178 7.24 -16.98 -5.30
CA THR B 178 7.18 -15.81 -4.47
C THR B 178 7.69 -14.57 -5.18
N GLY B 179 8.87 -14.70 -5.78
CA GLY B 179 9.47 -13.55 -6.46
C GLY B 179 8.67 -13.12 -7.71
N TYR B 180 8.36 -14.09 -8.54
CA TYR B 180 7.61 -13.80 -9.78
C TYR B 180 6.24 -13.15 -9.47
N GLY B 181 5.49 -13.74 -8.54
CA GLY B 181 4.20 -13.25 -8.13
C GLY B 181 4.25 -11.91 -7.43
N SER B 182 5.31 -11.68 -6.65
CA SER B 182 5.40 -10.36 -6.07
C SER B 182 5.44 -9.25 -7.12
N ALA B 183 6.08 -9.54 -8.25
CA ALA B 183 6.05 -8.57 -9.35
C ALA B 183 4.73 -8.58 -10.17
N VAL B 184 4.30 -9.75 -10.62
CA VAL B 184 3.20 -9.79 -11.57
C VAL B 184 1.82 -9.72 -10.94
N LYS B 185 1.70 -10.15 -9.68
CA LYS B 185 0.42 -10.22 -9.00
C LYS B 185 0.28 -9.26 -7.79
N VAL B 186 1.33 -9.10 -6.97
CA VAL B 186 1.21 -8.20 -5.83
C VAL B 186 1.43 -6.74 -6.27
N ALA B 187 2.61 -6.43 -6.82
CA ALA B 187 2.88 -5.07 -7.30
C ALA B 187 1.99 -4.75 -8.52
N LYS B 188 1.82 -5.77 -9.35
CA LYS B 188 1.19 -5.60 -10.68
C LYS B 188 2.01 -4.56 -11.47
N VAL B 189 3.29 -4.87 -11.67
CA VAL B 189 4.22 -4.01 -12.37
C VAL B 189 3.59 -3.68 -13.72
N THR B 190 3.61 -2.41 -14.08
CA THR B 190 3.04 -2.00 -15.38
C THR B 190 4.13 -2.05 -16.43
N PRO B 191 3.74 -2.31 -17.67
CA PRO B 191 4.73 -2.30 -18.71
C PRO B 191 5.23 -0.84 -18.95
N GLY B 192 6.51 -0.72 -19.28
CA GLY B 192 7.12 0.58 -19.46
C GLY B 192 7.71 1.20 -18.21
N SER B 193 7.37 0.63 -17.06
CA SER B 193 7.78 1.23 -15.76
C SER B 193 9.20 1.00 -15.37
N THR B 194 9.60 1.70 -14.28
CA THR B 194 10.92 1.47 -13.72
C THR B 194 10.78 0.74 -12.40
N CYS B 195 11.61 -0.29 -12.24
CA CYS B 195 11.59 -1.11 -11.01
C CYS B 195 12.95 -1.12 -10.39
N ALA B 196 12.98 -1.24 -9.04
CA ALA B 196 14.20 -1.47 -8.25
C ALA B 196 13.98 -2.75 -7.47
N VAL B 197 14.95 -3.64 -7.51
CA VAL B 197 14.87 -4.91 -6.76
C VAL B 197 16.06 -4.98 -5.82
N PHE B 198 15.76 -5.02 -4.51
CA PHE B 198 16.80 -5.10 -3.46
C PHE B 198 16.94 -6.58 -3.07
N GLY B 199 18.09 -7.15 -3.42
CA GLY B 199 18.44 -8.52 -3.11
C GLY B 199 18.25 -9.43 -4.30
N LEU B 200 19.34 -10.15 -4.66
CA LEU B 200 19.40 -10.96 -5.89
C LEU B 200 19.70 -12.44 -5.59
N GLY B 201 19.05 -12.98 -4.54
CA GLY B 201 18.99 -14.40 -4.30
C GLY B 201 17.98 -15.06 -5.19
N GLY B 202 17.63 -16.30 -4.89
CA GLY B 202 16.67 -16.98 -5.74
C GLY B 202 15.37 -16.19 -5.80
N VAL B 203 14.95 -15.59 -4.69
CA VAL B 203 13.67 -14.88 -4.68
C VAL B 203 13.78 -13.53 -5.42
N GLY B 204 14.81 -12.75 -5.15
CA GLY B 204 15.09 -11.50 -5.85
C GLY B 204 15.24 -11.67 -7.36
N LEU B 205 15.94 -12.72 -7.79
CA LEU B 205 16.05 -12.94 -9.24
C LEU B 205 14.73 -13.29 -9.83
N SER B 206 13.86 -13.94 -9.08
CA SER B 206 12.54 -14.31 -9.63
C SER B 206 11.67 -13.04 -9.74
N VAL B 207 11.89 -12.09 -8.82
CA VAL B 207 11.25 -10.75 -8.90
C VAL B 207 11.74 -10.07 -10.20
N VAL B 208 13.06 -10.14 -10.47
CA VAL B 208 13.61 -9.63 -11.74
C VAL B 208 12.91 -10.29 -12.91
N MET B 209 12.77 -11.61 -12.87
CA MET B 209 12.04 -12.28 -13.98
C MET B 209 10.61 -11.79 -14.12
N GLY B 210 9.90 -11.60 -13.01
CA GLY B 210 8.53 -11.12 -13.05
C GLY B 210 8.42 -9.71 -13.64
N CYS B 211 9.38 -8.84 -13.32
CA CYS B 211 9.34 -7.47 -13.79
C CYS B 211 9.58 -7.44 -15.29
N LYS B 212 10.48 -8.33 -15.72
CA LYS B 212 10.73 -8.52 -17.15
C LYS B 212 9.47 -9.05 -17.88
N ALA B 213 8.83 -10.08 -17.34
CA ALA B 213 7.56 -10.59 -17.92
C ALA B 213 6.47 -9.50 -17.98
N ALA B 214 6.47 -8.60 -17.01
CA ALA B 214 5.49 -7.52 -16.95
C ALA B 214 5.79 -6.40 -17.92
N GLY B 215 6.92 -6.47 -18.61
CA GLY B 215 7.28 -5.41 -19.54
C GLY B 215 7.96 -4.18 -18.99
N ALA B 216 8.54 -4.26 -17.78
CA ALA B 216 9.23 -3.06 -17.32
C ALA B 216 10.29 -2.56 -18.26
N ALA B 217 10.38 -1.23 -18.39
CA ALA B 217 11.48 -0.63 -19.19
C ALA B 217 12.86 -0.69 -18.51
N ARG B 218 12.85 -0.52 -17.19
CA ARG B 218 14.09 -0.45 -16.42
C ARG B 218 13.97 -1.32 -15.15
N ILE B 219 14.94 -2.19 -14.95
CA ILE B 219 14.98 -3.01 -13.71
C ILE B 219 16.33 -2.86 -13.12
N ILE B 220 16.39 -2.14 -11.96
CA ILE B 220 17.65 -1.77 -11.31
C ILE B 220 17.85 -2.73 -10.15
N ALA B 221 18.82 -3.61 -10.31
CA ALA B 221 19.10 -4.67 -9.38
C ALA B 221 20.13 -4.14 -8.37
N VAL B 222 19.82 -4.31 -7.09
CA VAL B 222 20.63 -3.75 -5.99
C VAL B 222 21.10 -4.90 -5.10
N ASP B 223 22.40 -5.02 -4.96
CA ASP B 223 22.95 -6.05 -4.09
C ASP B 223 24.32 -5.62 -3.63
N ILE B 224 24.62 -5.91 -2.37
CA ILE B 224 26.01 -5.74 -1.88
C ILE B 224 27.01 -6.80 -2.42
N ASN B 225 26.51 -7.87 -3.03
CA ASN B 225 27.36 -8.89 -3.66
C ASN B 225 27.38 -8.78 -5.16
N LYS B 226 28.45 -8.22 -5.72
CA LYS B 226 28.54 -7.95 -7.15
C LYS B 226 28.60 -9.23 -8.02
N ASP B 227 28.87 -10.39 -7.40
CA ASP B 227 28.83 -11.67 -8.12
C ASP B 227 27.42 -12.05 -8.55
N LYS B 228 26.45 -11.38 -7.94
CA LYS B 228 25.04 -11.64 -8.28
C LYS B 228 24.59 -10.88 -9.54
N PHE B 229 25.41 -9.92 -9.99
CA PHE B 229 25.00 -9.03 -11.10
C PHE B 229 24.87 -9.69 -12.45
N ALA B 230 25.75 -10.65 -12.79
CA ALA B 230 25.70 -11.26 -14.09
C ALA B 230 24.40 -12.01 -14.32
N LYS B 231 23.98 -12.79 -13.34
CA LYS B 231 22.71 -13.51 -13.47
C LYS B 231 21.50 -12.54 -13.49
N ALA B 232 21.60 -11.48 -12.71
CA ALA B 232 20.54 -10.48 -12.69
C ALA B 232 20.37 -9.88 -14.08
N LYS B 233 21.48 -9.52 -14.73
CA LYS B 233 21.43 -9.01 -16.11
C LYS B 233 20.89 -10.08 -17.08
N GLU B 234 21.34 -11.33 -16.91
CA GLU B 234 20.82 -12.43 -17.73
C GLU B 234 19.29 -12.56 -17.70
N LEU B 235 18.72 -12.32 -16.52
CA LEU B 235 17.29 -12.49 -16.32
C LEU B 235 16.48 -11.22 -16.54
N GLY B 236 17.15 -10.13 -16.96
CA GLY B 236 16.47 -8.92 -17.37
C GLY B 236 16.81 -7.60 -16.68
N ALA B 237 17.67 -7.64 -15.69
CA ALA B 237 18.07 -6.38 -15.07
C ALA B 237 18.76 -5.51 -16.12
N THR B 238 18.45 -4.22 -16.07
CA THR B 238 19.07 -3.26 -16.99
C THR B 238 20.26 -2.54 -16.41
N GLU B 239 20.37 -2.48 -15.08
CA GLU B 239 21.49 -1.87 -14.40
C GLU B 239 21.62 -2.60 -13.08
N CYS B 240 22.85 -2.65 -12.58
CA CYS B 240 23.14 -3.25 -11.28
C CYS B 240 23.95 -2.29 -10.45
N ILE B 241 23.54 -2.11 -9.20
CA ILE B 241 24.25 -1.20 -8.32
C ILE B 241 24.50 -1.82 -6.95
N ASN B 242 25.63 -1.45 -6.38
CA ASN B 242 26.07 -1.91 -5.08
C ASN B 242 26.07 -0.74 -4.11
N PRO B 243 25.20 -0.75 -3.09
CA PRO B 243 25.13 0.33 -2.09
C PRO B 243 26.45 0.66 -1.41
N GLN B 244 27.30 -0.34 -1.25
CA GLN B 244 28.58 -0.07 -0.60
C GLN B 244 29.49 0.87 -1.41
N ASP B 245 29.23 1.04 -2.71
CA ASP B 245 30.03 1.92 -3.58
C ASP B 245 29.80 3.39 -3.34
N TYR B 246 28.73 3.74 -2.65
CA TYR B 246 28.25 5.12 -2.62
C TYR B 246 28.40 5.76 -1.24
N LYS B 247 28.73 7.06 -1.23
CA LYS B 247 28.56 7.91 -0.06
C LYS B 247 27.10 8.28 0.22
N LYS B 248 26.24 8.31 -0.79
CA LYS B 248 24.86 8.70 -0.55
C LYS B 248 24.07 7.44 -0.19
N PRO B 249 22.98 7.58 0.56
CA PRO B 249 22.10 6.45 0.82
C PRO B 249 21.55 5.97 -0.52
N ILE B 250 21.32 4.65 -0.62
CA ILE B 250 20.93 4.07 -1.91
C ILE B 250 19.59 4.65 -2.35
N GLN B 251 18.67 5.00 -1.45
CA GLN B 251 17.41 5.59 -1.97
C GLN B 251 17.64 6.88 -2.71
N GLU B 252 18.62 7.68 -2.30
CA GLU B 252 18.90 8.97 -2.97
C GLU B 252 19.53 8.66 -4.35
N VAL B 253 20.41 7.66 -4.38
CA VAL B 253 21.08 7.21 -5.60
C VAL B 253 19.99 6.82 -6.59
N LEU B 254 19.03 6.01 -6.12
CA LEU B 254 17.99 5.49 -7.05
C LEU B 254 17.10 6.64 -7.49
N LYS B 255 16.68 7.52 -6.64
CA LYS B 255 15.86 8.66 -7.04
C LYS B 255 16.56 9.51 -8.10
N GLU B 256 17.86 9.73 -7.97
CA GLU B 256 18.60 10.59 -8.89
C GLU B 256 18.79 9.90 -10.27
N MET B 257 18.74 8.57 -10.27
CA MET B 257 18.85 7.74 -11.49
C MET B 257 17.53 7.71 -12.21
N THR B 258 16.43 8.06 -11.55
CA THR B 258 15.10 7.69 -12.11
C THR B 258 14.10 8.83 -12.10
N ASP B 259 14.55 10.06 -12.16
CA ASP B 259 13.66 11.21 -12.29
C ASP B 259 12.71 11.26 -11.07
N GLY B 260 13.28 11.04 -9.88
CA GLY B 260 12.53 11.19 -8.66
C GLY B 260 12.10 9.91 -7.97
N GLY B 261 12.36 8.76 -8.58
CA GLY B 261 12.12 7.49 -7.91
C GLY B 261 11.48 6.46 -8.80
N VAL B 262 11.59 5.21 -8.41
CA VAL B 262 11.06 4.14 -9.28
C VAL B 262 9.56 4.04 -9.15
N ASP B 263 8.96 3.39 -10.16
CA ASP B 263 7.57 3.10 -10.02
C ASP B 263 7.24 1.93 -9.09
N PHE B 264 8.14 0.96 -9.05
CA PHE B 264 7.92 -0.25 -8.20
C PHE B 264 9.23 -0.63 -7.61
N SER B 265 9.26 -0.72 -6.26
CA SER B 265 10.45 -1.20 -5.54
C SER B 265 10.12 -2.41 -4.74
N PHE B 266 11.09 -3.30 -4.63
CA PHE B 266 10.89 -4.58 -3.94
C PHE B 266 12.03 -4.80 -2.95
N GLU B 267 11.69 -5.12 -1.70
CA GLU B 267 12.72 -5.51 -0.75
C GLU B 267 12.69 -7.02 -0.67
N VAL B 268 13.78 -7.66 -1.08
CA VAL B 268 13.84 -9.12 -1.14
C VAL B 268 15.05 -9.62 -0.38
N ILE B 269 15.25 -9.02 0.81
CA ILE B 269 16.39 -9.33 1.67
C ILE B 269 15.92 -9.76 3.07
N GLY B 270 15.13 -8.90 3.69
CA GLY B 270 14.61 -9.14 5.04
C GLY B 270 15.38 -8.31 6.04
N GLN B 271 15.70 -7.07 5.69
CA GLN B 271 16.42 -6.20 6.65
C GLN B 271 15.70 -4.87 6.77
N LEU B 272 15.59 -4.31 7.99
CA LEU B 272 14.83 -3.08 8.18
C LEU B 272 15.45 -1.89 7.42
N ASP B 273 16.76 -1.83 7.33
CA ASP B 273 17.38 -0.67 6.67
C ASP B 273 16.98 -0.62 5.18
N THR B 274 17.04 -1.79 4.56
CA THR B 274 16.71 -1.86 3.14
C THR B 274 15.23 -1.78 2.92
N MET B 275 14.39 -2.23 3.86
CA MET B 275 12.95 -1.97 3.69
C MET B 275 12.66 -0.48 3.69
N MET B 276 13.31 0.27 4.57
CA MET B 276 13.14 1.72 4.55
C MET B 276 13.63 2.32 3.22
N ALA B 277 14.80 1.87 2.74
CA ALA B 277 15.38 2.43 1.53
C ALA B 277 14.44 2.10 0.37
N SER B 278 13.90 0.90 0.40
CA SER B 278 13.00 0.49 -0.72
C SER B 278 11.75 1.39 -0.75
N LEU B 279 11.16 1.66 0.41
CA LEU B 279 10.03 2.55 0.45
C LEU B 279 10.39 3.94 -0.06
N LEU B 280 11.50 4.50 0.45
CA LEU B 280 11.88 5.85 0.10
C LEU B 280 12.32 6.01 -1.36
N CYS B 281 12.70 4.91 -2.03
CA CYS B 281 13.26 5.04 -3.38
C CYS B 281 12.16 5.03 -4.45
N CYS B 282 10.94 4.69 -4.04
CA CYS B 282 9.84 4.75 -5.04
C CYS B 282 9.27 6.15 -5.07
N HIS B 283 8.79 6.60 -6.23
CA HIS B 283 8.41 7.99 -6.38
C HIS B 283 7.26 8.35 -5.46
N GLU B 284 7.35 9.52 -4.84
CA GLU B 284 6.34 9.85 -3.83
C GLU B 284 4.89 10.02 -4.32
N ALA B 285 4.78 10.18 -5.64
CA ALA B 285 3.46 10.36 -6.26
C ALA B 285 2.89 9.12 -6.87
N CYS B 286 3.74 8.23 -7.35
CA CYS B 286 3.24 7.13 -8.16
C CYS B 286 3.90 5.82 -7.83
N GLY B 287 4.69 5.77 -6.73
CA GLY B 287 5.48 4.59 -6.42
C GLY B 287 4.74 3.58 -5.59
N THR B 288 5.10 2.30 -5.77
CA THR B 288 4.56 1.18 -5.02
C THR B 288 5.76 0.41 -4.52
N SER B 289 5.84 0.17 -3.20
CA SER B 289 6.92 -0.59 -2.59
C SER B 289 6.37 -1.86 -1.99
N VAL B 290 6.96 -3.00 -2.34
CA VAL B 290 6.50 -4.31 -1.89
C VAL B 290 7.55 -4.94 -0.97
N ILE B 291 7.12 -5.38 0.20
CA ILE B 291 7.99 -6.11 1.10
C ILE B 291 7.84 -7.59 0.78
N VAL B 292 8.94 -8.22 0.41
CA VAL B 292 9.01 -9.65 0.20
C VAL B 292 9.84 -10.33 1.27
N GLY B 293 11.01 -9.72 1.54
CA GLY B 293 11.90 -10.28 2.55
C GLY B 293 11.23 -10.37 3.91
N VAL B 294 11.64 -11.36 4.71
CA VAL B 294 11.06 -11.54 6.05
C VAL B 294 12.00 -10.90 7.05
N PRO B 295 11.54 -9.86 7.75
CA PRO B 295 12.40 -9.16 8.72
C PRO B 295 12.59 -10.01 9.99
N PRO B 296 13.63 -9.75 10.77
CA PRO B 296 13.76 -10.44 12.05
C PRO B 296 12.54 -10.10 12.89
N ASP B 297 12.06 -11.10 13.63
CA ASP B 297 10.84 -10.97 14.42
C ASP B 297 10.75 -9.67 15.20
N SER B 298 9.59 -9.03 15.11
CA SER B 298 9.19 -7.92 15.96
C SER B 298 10.17 -6.73 16.12
N GLN B 299 10.75 -6.27 15.01
CA GLN B 299 11.59 -5.07 15.04
C GLN B 299 10.93 -4.01 14.16
N ASN B 300 10.88 -2.76 14.64
CA ASN B 300 10.05 -1.72 14.08
C ASN B 300 10.83 -0.69 13.26
N LEU B 301 10.12 -0.14 12.29
CA LEU B 301 10.56 1.00 11.47
C LEU B 301 9.89 2.28 11.93
N SER B 302 10.64 3.37 11.91
CA SER B 302 10.11 4.68 12.19
C SER B 302 9.60 5.29 10.86
N ILE B 303 8.30 5.48 10.77
CA ILE B 303 7.67 5.89 9.51
C ILE B 303 6.93 7.18 9.68
N ASN B 304 7.32 8.18 8.90
CA ASN B 304 6.59 9.43 8.80
C ASN B 304 5.42 9.22 7.79
N PRO B 305 4.18 9.32 8.25
CA PRO B 305 3.05 8.97 7.34
C PRO B 305 2.96 9.96 6.21
N MET B 306 3.61 11.10 6.24
CA MET B 306 3.66 11.95 5.08
C MET B 306 4.23 11.22 3.85
N LEU B 307 5.05 10.20 4.06
CA LEU B 307 5.60 9.41 2.95
C LEU B 307 4.51 8.78 2.10
N LEU B 308 3.38 8.44 2.71
CA LEU B 308 2.26 7.78 1.97
C LEU B 308 1.26 8.79 1.47
N LEU B 309 1.09 9.94 2.09
CA LEU B 309 -0.01 10.85 1.82
C LEU B 309 0.04 11.37 0.36
N THR B 310 1.25 11.44 -0.23
CA THR B 310 1.40 12.07 -1.53
C THR B 310 0.97 11.11 -2.64
N GLY B 311 0.84 9.81 -2.32
CA GLY B 311 0.34 8.87 -3.35
C GLY B 311 1.10 7.56 -3.38
N ARG B 312 2.02 7.30 -2.44
CA ARG B 312 2.68 5.99 -2.43
C ARG B 312 1.79 4.88 -1.91
N THR B 313 2.14 3.65 -2.28
CA THR B 313 1.51 2.44 -1.79
C THR B 313 2.60 1.57 -1.24
N TRP B 314 2.39 1.06 -0.01
CA TRP B 314 3.31 0.14 0.60
C TRP B 314 2.54 -1.13 0.97
N LYS B 315 3.05 -2.28 0.55
CA LYS B 315 2.32 -3.51 0.76
C LYS B 315 3.28 -4.67 0.85
N GLY B 316 2.79 -5.80 1.30
CA GLY B 316 3.60 -7.01 1.36
C GLY B 316 2.75 -8.20 1.00
N ALA B 317 3.40 -9.36 0.88
CA ALA B 317 2.65 -10.59 0.66
C ALA B 317 3.50 -11.79 0.94
N ILE B 318 2.78 -12.88 1.17
CA ILE B 318 3.37 -14.19 1.28
C ILE B 318 3.20 -14.93 -0.06
N PHE B 319 4.24 -15.65 -0.48
CA PHE B 319 4.17 -16.56 -1.63
C PHE B 319 3.69 -15.82 -2.88
N GLY B 320 4.18 -14.61 -3.10
CA GLY B 320 3.85 -13.86 -4.32
C GLY B 320 2.40 -13.54 -4.46
N GLY B 321 1.63 -13.66 -3.38
CA GLY B 321 0.20 -13.37 -3.41
C GLY B 321 -0.57 -14.47 -4.13
N PHE B 322 0.10 -15.55 -4.51
CA PHE B 322 -0.62 -16.64 -5.22
C PHE B 322 -1.46 -17.47 -4.27
N LYS B 323 -2.72 -17.72 -4.64
CA LYS B 323 -3.54 -18.67 -3.93
C LYS B 323 -2.91 -20.01 -4.27
N SER B 324 -2.41 -20.72 -3.26
CA SER B 324 -1.33 -21.69 -3.48
C SER B 324 -1.71 -22.92 -4.33
N LYS B 325 -2.83 -23.54 -3.97
CA LYS B 325 -3.25 -24.80 -4.59
C LYS B 325 -3.71 -24.62 -6.03
N GLU B 326 -4.39 -23.52 -6.32
CA GLU B 326 -4.83 -23.28 -7.69
C GLU B 326 -3.73 -22.69 -8.57
N SER B 327 -2.74 -22.01 -7.97
CA SER B 327 -1.73 -21.36 -8.73
C SER B 327 -0.56 -22.27 -9.09
N VAL B 328 -0.21 -23.16 -8.16
CA VAL B 328 1.04 -23.92 -8.34
C VAL B 328 0.94 -24.78 -9.65
N PRO B 329 -0.17 -25.50 -9.87
CA PRO B 329 -0.32 -26.30 -11.11
C PRO B 329 -0.23 -25.46 -12.37
N LYS B 330 -0.81 -24.25 -12.34
CA LYS B 330 -0.74 -23.34 -13.46
C LYS B 330 0.69 -22.89 -13.75
N LEU B 331 1.45 -22.57 -12.68
CA LEU B 331 2.82 -22.14 -12.88
C LEU B 331 3.70 -23.26 -13.42
N VAL B 332 3.49 -24.47 -12.91
CA VAL B 332 4.19 -25.64 -13.44
C VAL B 332 3.76 -25.85 -14.92
N ALA B 333 2.45 -25.76 -15.23
CA ALA B 333 2.03 -25.80 -16.64
C ALA B 333 2.70 -24.72 -17.51
N ASP B 334 2.91 -23.52 -16.96
CA ASP B 334 3.64 -22.47 -17.69
C ASP B 334 5.09 -22.87 -17.93
N PHE B 335 5.70 -23.44 -16.89
CA PHE B 335 7.06 -23.96 -16.95
C PHE B 335 7.19 -25.02 -18.05
N MET B 336 6.24 -25.94 -18.09
CA MET B 336 6.25 -27.02 -19.11
C MET B 336 6.12 -26.47 -20.54
N ALA B 337 5.45 -25.32 -20.69
CA ALA B 337 5.32 -24.61 -21.97
C ALA B 337 6.49 -23.67 -22.23
N LYS B 338 7.51 -23.79 -21.39
CA LYS B 338 8.70 -22.94 -21.48
C LYS B 338 8.39 -21.44 -21.43
N LYS B 339 7.30 -21.00 -20.77
CA LYS B 339 7.02 -19.55 -20.61
C LYS B 339 8.11 -18.85 -19.82
N PHE B 340 8.65 -19.56 -18.83
CA PHE B 340 9.84 -19.16 -18.11
C PHE B 340 10.69 -20.42 -17.89
N SER B 341 11.92 -20.19 -17.51
CA SER B 341 12.88 -21.25 -17.28
C SER B 341 13.42 -21.10 -15.86
N LEU B 342 13.83 -22.19 -15.21
CA LEU B 342 14.35 -22.15 -13.83
C LEU B 342 15.82 -22.50 -13.67
N ASP B 343 16.46 -22.90 -14.76
CA ASP B 343 17.84 -23.39 -14.73
C ASP B 343 18.80 -22.37 -14.22
N ALA B 344 18.59 -21.10 -14.57
CA ALA B 344 19.49 -20.06 -14.15
C ALA B 344 19.49 -19.89 -12.63
N LEU B 345 18.40 -20.30 -11.96
CA LEU B 345 18.33 -20.12 -10.48
C LEU B 345 18.98 -21.27 -9.73
N ILE B 346 19.13 -22.42 -10.40
CA ILE B 346 19.70 -23.60 -9.77
C ILE B 346 21.20 -23.67 -10.01
N THR B 347 21.98 -23.25 -9.00
CA THR B 347 23.41 -23.17 -9.18
C THR B 347 24.14 -24.45 -8.76
N ASN B 348 23.54 -25.20 -7.85
CA ASN B 348 24.19 -26.36 -7.27
C ASN B 348 23.16 -27.43 -7.01
N VAL B 349 23.57 -28.68 -7.23
CA VAL B 349 22.73 -29.82 -6.95
C VAL B 349 23.57 -30.78 -6.13
N LEU B 350 23.06 -31.10 -4.93
CA LEU B 350 23.74 -31.95 -3.98
C LEU B 350 22.79 -33.07 -3.51
N PRO B 351 23.31 -34.23 -3.14
CA PRO B 351 22.47 -35.25 -2.48
C PRO B 351 21.98 -34.72 -1.13
N PHE B 352 20.78 -35.14 -0.72
CA PHE B 352 20.20 -34.73 0.57
C PHE B 352 21.19 -34.78 1.73
N GLU B 353 22.03 -35.82 1.72
CA GLU B 353 23.03 -36.04 2.76
C GLU B 353 23.96 -34.85 2.94
N LYS B 354 24.09 -34.02 1.91
CA LYS B 354 24.94 -32.82 2.02
C LYS B 354 24.22 -31.50 2.33
N ILE B 355 23.09 -31.59 3.03
CA ILE B 355 22.36 -30.38 3.44
C ILE B 355 23.22 -29.26 4.06
N ASN B 356 24.13 -29.63 4.96
CA ASN B 356 24.91 -28.60 5.63
C ASN B 356 25.81 -27.86 4.66
N GLU B 357 26.40 -28.60 3.71
CA GLU B 357 27.13 -28.02 2.62
C GLU B 357 26.27 -27.05 1.80
N GLY B 358 25.05 -27.47 1.49
CA GLY B 358 24.11 -26.60 0.78
C GLY B 358 23.80 -25.33 1.53
N PHE B 359 23.70 -25.40 2.87
CA PHE B 359 23.50 -24.19 3.65
C PHE B 359 24.73 -23.28 3.69
N ASP B 360 25.90 -23.88 3.76
CA ASP B 360 27.12 -23.10 3.74
C ASP B 360 27.28 -22.41 2.41
N LEU B 361 26.87 -23.07 1.32
CA LEU B 361 26.90 -22.40 0.04
C LEU B 361 25.99 -21.15 0.08
N LEU B 362 24.81 -21.29 0.67
CA LEU B 362 23.88 -20.14 0.79
C LEU B 362 24.50 -19.00 1.62
N ARG B 363 24.97 -19.31 2.83
CA ARG B 363 25.56 -18.32 3.71
C ARG B 363 26.76 -17.62 3.10
N SER B 364 27.52 -18.33 2.28
CA SER B 364 28.71 -17.78 1.62
C SER B 364 28.40 -16.76 0.50
N GLY B 365 27.15 -16.72 0.06
CA GLY B 365 26.75 -15.79 -1.01
C GLY B 365 27.03 -16.36 -2.39
N LYS B 366 27.62 -17.55 -2.43
CA LYS B 366 28.09 -18.12 -3.69
C LYS B 366 27.00 -18.79 -4.49
N SER B 367 25.94 -19.26 -3.84
CA SER B 367 24.88 -19.96 -4.57
C SER B 367 23.60 -19.12 -4.65
N ILE B 368 22.77 -19.42 -5.66
CA ILE B 368 21.40 -18.93 -5.69
C ILE B 368 20.57 -20.01 -5.01
N ARG B 369 20.06 -20.97 -5.78
CA ARG B 369 19.40 -22.16 -5.24
C ARG B 369 20.26 -23.44 -5.34
N THR B 370 20.50 -24.06 -4.19
CA THR B 370 20.92 -25.46 -4.13
C THR B 370 19.68 -26.35 -4.03
N VAL B 371 19.61 -27.35 -4.90
CA VAL B 371 18.58 -28.34 -4.84
C VAL B 371 19.19 -29.62 -4.31
N LEU B 372 18.50 -30.21 -3.33
CA LEU B 372 18.86 -31.46 -2.69
C LEU B 372 18.07 -32.59 -3.33
N THR B 373 18.77 -33.63 -3.76
CA THR B 373 18.11 -34.80 -4.35
C THR B 373 18.09 -35.94 -3.32
N PHE B 374 16.97 -36.63 -3.22
CA PHE B 374 16.78 -37.65 -2.19
C PHE B 374 17.09 -39.04 -2.73
ZN ZN C . 1.90 17.84 -13.84
ZN ZN D . -9.24 20.88 2.12
PA NAD E . -12.97 17.79 10.58
O1A NAD E . -12.13 18.37 11.76
O2A NAD E . -14.21 18.49 10.18
O5B NAD E . -13.32 16.37 11.07
C5B NAD E . -12.49 15.41 11.67
C4B NAD E . -13.33 14.56 12.61
O4B NAD E . -12.47 13.66 13.29
C3B NAD E . -14.23 15.27 13.64
O3B NAD E . -15.59 14.86 13.47
C2B NAD E . -13.65 14.82 15.00
O2B NAD E . -14.60 14.65 16.02
C1B NAD E . -13.03 13.49 14.60
N9A NAD E . -11.93 13.14 15.50
C8A NAD E . -10.91 13.97 16.01
N7A NAD E . -10.14 13.18 16.75
C5A NAD E . -10.58 11.92 16.74
C6A NAD E . -10.17 10.70 17.26
N6A NAD E . -9.09 10.63 18.07
N1A NAD E . -10.89 9.57 17.03
C2A NAD E . -12.00 9.55 16.20
N3A NAD E . -12.40 10.74 15.67
C4A NAD E . -11.72 11.88 15.90
O3 NAD E . -11.85 17.72 9.52
PN NAD E . -12.10 17.54 7.83
O1N NAD E . -12.24 18.84 7.26
O2N NAD E . -13.12 16.48 7.51
O5D NAD E . -10.69 17.03 7.43
C5D NAD E . -10.25 15.76 7.93
C4D NAD E . -8.76 15.47 7.66
O4D NAD E . -8.54 15.39 6.25
C3D NAD E . -7.90 16.63 8.12
O3D NAD E . -6.64 16.19 8.66
C2D NAD E . -7.64 17.42 6.87
O2D NAD E . -6.46 18.18 6.84
C1D NAD E . -7.54 16.25 5.83
N1N NAD E . -7.63 16.54 4.38
C2N NAD E . -6.81 15.85 3.60
C3N NAD E . -6.97 16.04 2.23
C7N NAD E . -6.15 15.26 1.31
O7N NAD E . -6.13 15.64 0.02
N7N NAD E . -5.45 14.22 1.65
C4N NAD E . -7.84 17.04 1.75
C5N NAD E . -8.72 17.65 2.60
C6N NAD E . -8.58 17.45 4.01
O10 FXY F . -7.08 20.18 2.47
C9 FXY F . -6.65 20.22 1.31
N8 FXY F . -5.41 20.32 0.97
C1 FXY F . -4.35 20.49 1.98
C25 FXY F . -3.93 21.94 1.89
C2 FXY F . -3.25 19.54 1.54
C3 FXY F . -2.09 19.46 2.51
C4 FXY F . -1.30 18.20 2.16
C5 FXY F . 0.19 18.45 2.15
C6 FXY F . 0.90 17.10 2.11
C7 FXY F . 1.97 17.01 1.06
ZN ZN G . -8.34 -20.89 3.71
ZN ZN H . 11.09 -20.09 1.02
PA NAD I . 19.20 -14.98 -0.39
O1A NAD I . 19.95 -14.94 0.92
O2A NAD I . 19.50 -16.05 -1.40
O5B NAD I . 19.37 -13.57 -1.08
C5B NAD I . 19.41 -12.32 -0.45
C4B NAD I . 20.26 -11.37 -1.28
O4B NAD I . 20.33 -10.15 -0.55
C3B NAD I . 21.70 -11.87 -1.41
O3B NAD I . 22.13 -11.86 -2.76
C2B NAD I . 22.48 -10.90 -0.54
O2B NAD I . 23.76 -10.58 -1.04
C1B NAD I . 21.66 -9.64 -0.57
N9A NAD I . 21.80 -8.75 0.60
C8A NAD I . 21.91 -9.06 1.93
N7A NAD I . 21.99 -7.91 2.64
C5A NAD I . 21.93 -6.86 1.79
C6A NAD I . 21.94 -5.47 1.96
N6A NAD I . 22.08 -4.84 3.13
N1A NAD I . 21.84 -4.68 0.85
C2A NAD I . 21.73 -5.22 -0.40
N3A NAD I . 21.72 -6.59 -0.55
C4A NAD I . 21.79 -7.39 0.52
O3 NAD I . 17.66 -15.05 0.06
PN NAD I . 16.36 -15.61 -0.72
O1N NAD I . 16.23 -17.03 -0.52
O2N NAD I . 16.36 -15.03 -2.12
O5D NAD I . 15.24 -14.92 0.19
C5D NAD I . 15.12 -13.51 0.22
C4D NAD I . 14.19 -12.99 1.33
O4D NAD I . 12.87 -13.38 0.99
C3D NAD I . 14.49 -13.65 2.68
O3D NAD I . 14.27 -12.77 3.76
C2D NAD I . 13.46 -14.75 2.75
O2D NAD I . 13.11 -15.15 4.07
C1D NAD I . 12.27 -14.04 2.07
N1N NAD I . 11.20 -14.92 1.56
C2N NAD I . 9.96 -14.44 1.71
C3N NAD I . 8.89 -15.17 1.19
C7N NAD I . 7.54 -14.61 1.31
O7N NAD I . 6.52 -15.40 0.95
N7N NAD I . 7.26 -13.38 1.67
C4N NAD I . 9.07 -16.46 0.65
C5N NAD I . 10.39 -16.90 0.44
C6N NAD I . 11.46 -16.12 0.99
O10 FXY J . 10.16 -18.98 2.65
C9 FXY J . 8.94 -19.22 2.69
N8 FXY J . 8.23 -19.10 3.74
C1 FXY J . 8.72 -18.71 5.06
C25 FXY J . 8.79 -19.96 5.94
C2 FXY J . 7.64 -17.80 5.64
C3 FXY J . 8.20 -16.77 6.60
C4 FXY J . 7.17 -15.66 6.82
C5 FXY J . 6.20 -16.07 7.92
C6 FXY J . 5.72 -14.86 8.71
C7 FXY J . 4.30 -14.52 8.30
#